data_3OOW
#
_entry.id   3OOW
#
_cell.length_a   88.560
_cell.length_b   96.300
_cell.length_c   128.620
_cell.angle_alpha   90.00
_cell.angle_beta   90.00
_cell.angle_gamma   90.00
#
_symmetry.space_group_name_H-M   'P 21 21 21'
#
loop_
_entity.id
_entity.type
_entity.pdbx_description
1 polymer 'Phosphoribosylaminoimidazole carboxylase,catalytic subunit'
2 non-polymer 'CHLORIDE ION'
3 non-polymer 'PHOSPHATE ION'
4 non-polymer 'FORMIC ACID'
5 non-polymer (4S)-2-METHYL-2,4-PENTANEDIOL
6 water water
#
_entity_poly.entity_id   1
_entity_poly.type   'polypeptide(L)'
_entity_poly.pdbx_seq_one_letter_code
;SNA(MSE)SVQVGVI(MSE)GSKSDWST(MSE)KECCDILDNLGIGYECEVVSAHRTPDK(MSE)FDYAETAKERGLKVI
IAGAGGAAHLPG(MSE)VAAKTTLPVLGVPVKSSTLNGQDSLLSIVQ(MSE)PAGIPVATFAIG(MSE)AGAKNAALFAA
SILQHTDINIAKALAEFRAEQTRFVLENPDPREH
;
_entity_poly.pdbx_strand_id   A,B,C,D,E,F,G,H
#
# COMPACT_ATOMS: atom_id res chain seq x y z
N SER A 5 -43.02 -5.00 7.46
CA SER A 5 -42.32 -6.14 8.12
C SER A 5 -40.84 -5.80 8.18
N VAL A 6 -40.24 -5.92 9.37
CA VAL A 6 -38.81 -5.64 9.52
C VAL A 6 -38.00 -6.89 9.17
N GLN A 7 -37.33 -6.85 8.03
CA GLN A 7 -36.56 -8.01 7.54
C GLN A 7 -35.06 -7.77 7.53
N VAL A 8 -34.67 -6.50 7.56
CA VAL A 8 -33.28 -6.12 7.56
C VAL A 8 -32.90 -5.29 8.80
N GLY A 9 -31.84 -5.73 9.46
CA GLY A 9 -31.24 -5.01 10.57
C GLY A 9 -30.01 -4.26 10.05
N VAL A 10 -30.05 -2.92 10.15
CA VAL A 10 -28.96 -2.06 9.76
C VAL A 10 -28.28 -1.60 11.02
N ILE A 11 -27.05 -2.02 11.24
CA ILE A 11 -26.37 -1.66 12.51
C ILE A 11 -25.04 -1.01 12.20
N GLY A 13 -21.32 0.75 14.19
CA GLY A 13 -20.50 0.83 15.39
C GLY A 13 -20.65 2.04 16.25
N SER A 14 -20.93 3.20 15.64
CA SER A 14 -21.12 4.43 16.37
C SER A 14 -22.05 5.35 15.63
N LYS A 15 -22.59 6.34 16.33
CA LYS A 15 -23.47 7.33 15.72
C LYS A 15 -22.83 8.06 14.55
N SER A 16 -21.51 8.25 14.59
CA SER A 16 -20.82 8.99 13.54
C SER A 16 -20.83 8.27 12.19
N ASP A 17 -21.14 6.97 12.23
CA ASP A 17 -21.27 6.17 11.00
C ASP A 17 -22.61 6.39 10.28
N TRP A 18 -23.50 7.16 10.90
CA TRP A 18 -24.83 7.33 10.34
C TRP A 18 -24.78 8.06 9.02
N SER A 19 -23.83 8.96 8.86
CA SER A 19 -23.72 9.73 7.62
C SER A 19 -23.49 8.79 6.45
N THR A 20 -22.88 7.63 6.69
CA THR A 20 -22.68 6.61 5.65
C THR A 20 -23.84 5.66 5.57
N LYS A 22 -26.94 5.98 6.51
CA LYS A 22 -28.20 6.63 6.07
C LYS A 22 -28.46 6.34 4.61
N GLU A 23 -27.39 6.19 3.84
CA GLU A 23 -27.49 5.98 2.41
C GLU A 23 -27.97 4.55 2.16
N CYS A 24 -27.60 3.61 3.02
CA CYS A 24 -28.12 2.24 2.95
C CYS A 24 -29.63 2.23 3.23
N CYS A 25 -30.01 2.92 4.31
CA CYS A 25 -31.42 3.01 4.72
C CYS A 25 -32.32 3.68 3.67
N ASP A 26 -31.80 4.73 3.03
CA ASP A 26 -32.49 5.40 1.94
C ASP A 26 -32.89 4.47 0.81
N ILE A 27 -31.99 3.60 0.39
CA ILE A 27 -32.30 2.63 -0.66
C ILE A 27 -33.34 1.61 -0.20
N LEU A 28 -33.24 1.14 1.03
CA LEU A 28 -34.20 0.17 1.55
C LEU A 28 -35.61 0.78 1.56
N ASP A 29 -35.70 2.07 1.91
CA ASP A 29 -36.98 2.83 1.84
C ASP A 29 -37.52 2.92 0.42
N ASN A 30 -36.64 3.24 -0.52
CA ASN A 30 -37.02 3.35 -1.92
C ASN A 30 -37.50 2.02 -2.49
N LEU A 31 -36.98 0.91 -1.98
CA LEU A 31 -37.41 -0.41 -2.43
C LEU A 31 -38.56 -1.02 -1.61
N GLY A 32 -39.06 -0.30 -0.60
CA GLY A 32 -40.20 -0.78 0.19
C GLY A 32 -39.85 -1.94 1.11
N ILE A 33 -38.60 -1.97 1.56
CA ILE A 33 -38.12 -3.04 2.43
C ILE A 33 -38.09 -2.52 3.87
N GLY A 34 -38.71 -3.28 4.77
CA GLY A 34 -38.77 -2.93 6.15
C GLY A 34 -37.42 -3.17 6.80
N TYR A 35 -37.02 -2.25 7.66
CA TYR A 35 -35.73 -2.42 8.33
C TYR A 35 -35.77 -1.71 9.63
N GLU A 36 -34.78 -2.01 10.47
CA GLU A 36 -34.53 -1.28 11.70
C GLU A 36 -33.09 -0.79 11.64
N CYS A 37 -32.81 0.29 12.37
N CYS A 37 -32.78 0.32 12.32
CA CYS A 37 -31.48 0.89 12.47
CA CYS A 37 -31.42 0.83 12.38
C CYS A 37 -31.10 0.91 13.92
C CYS A 37 -31.02 1.08 13.81
N GLU A 38 -29.87 0.50 14.19
CA GLU A 38 -29.38 0.56 15.58
C GLU A 38 -27.87 0.77 15.67
N VAL A 39 -27.45 1.55 16.66
CA VAL A 39 -26.03 1.64 17.03
C VAL A 39 -25.68 0.50 17.97
N VAL A 40 -24.73 -0.32 17.53
CA VAL A 40 -24.29 -1.54 18.26
C VAL A 40 -22.76 -1.52 18.14
N SER A 41 -22.08 -1.23 19.24
CA SER A 41 -20.62 -1.11 19.26
C SER A 41 -20.02 -2.45 19.65
N ALA A 42 -19.27 -3.06 18.74
CA ALA A 42 -18.51 -4.29 19.04
C ALA A 42 -17.62 -4.08 20.27
N HIS A 43 -17.01 -2.92 20.40
CA HIS A 43 -16.06 -2.71 21.47
C HIS A 43 -16.59 -2.07 22.72
N ARG A 44 -17.52 -1.11 22.61
CA ARG A 44 -18.12 -0.49 23.74
C ARG A 44 -19.39 -1.16 24.25
N THR A 45 -20.06 -1.99 23.42
CA THR A 45 -21.27 -2.68 23.86
C THR A 45 -21.26 -4.09 23.41
N PRO A 46 -20.22 -4.81 23.81
CA PRO A 46 -20.09 -6.18 23.29
C PRO A 46 -21.22 -7.15 23.67
N ASP A 47 -21.76 -7.00 24.89
CA ASP A 47 -22.88 -7.84 25.30
C ASP A 47 -24.13 -7.54 24.50
N LYS A 48 -24.44 -6.24 24.30
CA LYS A 48 -25.53 -5.90 23.42
C LYS A 48 -25.31 -6.49 22.04
N PHE A 50 -23.68 -9.25 21.09
CA PHE A 50 -24.00 -10.71 21.11
C PHE A 50 -25.52 -10.92 21.16
N ASP A 51 -26.23 -10.13 21.97
N ASP A 51 -26.21 -10.12 21.97
CA ASP A 51 -27.68 -10.30 22.12
CA ASP A 51 -27.64 -10.27 22.12
C ASP A 51 -28.42 -9.96 20.84
C ASP A 51 -28.37 -10.00 20.81
N TYR A 52 -27.96 -8.92 20.15
CA TYR A 52 -28.55 -8.55 18.87
C TYR A 52 -28.41 -9.70 17.87
N ALA A 53 -27.22 -10.25 17.79
CA ALA A 53 -26.95 -11.30 16.81
C ALA A 53 -27.73 -12.57 17.16
N GLU A 54 -27.69 -12.97 18.44
CA GLU A 54 -28.35 -14.20 18.91
C GLU A 54 -29.85 -14.22 18.67
N THR A 55 -30.49 -13.06 18.83
CA THR A 55 -31.94 -12.94 18.75
C THR A 55 -32.44 -12.53 17.38
N ALA A 56 -31.54 -12.25 16.42
CA ALA A 56 -31.96 -11.68 15.13
C ALA A 56 -32.92 -12.57 14.39
N LYS A 57 -32.60 -13.85 14.28
CA LYS A 57 -33.42 -14.78 13.52
C LYS A 57 -34.83 -14.90 14.15
N GLU A 58 -34.88 -15.05 15.47
CA GLU A 58 -36.17 -15.20 16.16
C GLU A 58 -37.01 -13.91 16.04
N ARG A 59 -36.33 -12.78 15.83
CA ARG A 59 -37.02 -11.51 15.72
C ARG A 59 -37.54 -11.31 14.30
N GLY A 60 -37.28 -12.27 13.41
CA GLY A 60 -37.77 -12.20 12.04
C GLY A 60 -36.85 -11.50 11.03
N LEU A 61 -35.61 -11.18 11.46
CA LEU A 61 -34.64 -10.55 10.58
C LEU A 61 -34.19 -11.64 9.64
N LYS A 62 -33.92 -11.25 8.40
CA LYS A 62 -33.40 -12.16 7.35
C LYS A 62 -31.98 -11.82 6.88
N VAL A 63 -31.58 -10.56 7.03
CA VAL A 63 -30.27 -10.09 6.61
C VAL A 63 -29.82 -9.06 7.65
N ILE A 64 -28.54 -9.02 7.96
CA ILE A 64 -27.98 -7.97 8.81
C ILE A 64 -26.94 -7.21 7.98
N ILE A 65 -27.02 -5.88 8.01
CA ILE A 65 -26.09 -4.99 7.33
C ILE A 65 -25.36 -4.21 8.44
N ALA A 66 -24.04 -4.37 8.50
CA ALA A 66 -23.24 -3.83 9.58
C ALA A 66 -22.10 -3.01 9.04
N GLY A 67 -22.04 -1.76 9.52
CA GLY A 67 -21.02 -0.81 9.13
C GLY A 67 -20.12 -0.52 10.30
N ALA A 68 -18.83 -0.35 10.02
CA ALA A 68 -17.84 -0.01 11.04
C ALA A 68 -16.53 0.42 10.35
N GLY A 69 -15.72 1.19 11.10
CA GLY A 69 -14.48 1.70 10.57
C GLY A 69 -13.27 1.34 11.43
N GLY A 70 -12.09 1.63 10.91
CA GLY A 70 -10.88 1.39 11.67
C GLY A 70 -10.63 -0.09 11.77
N ALA A 71 -10.33 -0.58 12.98
CA ALA A 71 -10.33 -2.04 13.27
C ALA A 71 -11.81 -2.40 13.38
N ALA A 72 -12.38 -2.79 12.25
CA ALA A 72 -13.84 -2.97 12.12
C ALA A 72 -14.17 -4.40 12.42
N HIS A 73 -14.65 -4.66 13.63
CA HIS A 73 -14.89 -6.03 14.07
C HIS A 73 -16.39 -6.35 14.12
N LEU A 74 -17.24 -5.33 14.07
CA LEU A 74 -18.68 -5.57 14.22
C LEU A 74 -19.25 -6.58 13.21
N PRO A 75 -19.02 -6.38 11.90
CA PRO A 75 -19.62 -7.37 10.99
C PRO A 75 -19.20 -8.85 11.26
N GLY A 76 -17.93 -9.07 11.47
CA GLY A 76 -17.42 -10.43 11.68
C GLY A 76 -17.95 -11.04 12.98
N VAL A 78 -20.78 -10.24 14.61
CA VAL A 78 -22.18 -10.56 14.44
C VAL A 78 -22.33 -11.84 13.63
N ALA A 79 -21.60 -11.96 12.52
CA ALA A 79 -21.64 -13.17 11.69
C ALA A 79 -21.28 -14.44 12.44
N ALA A 80 -20.41 -14.33 13.45
CA ALA A 80 -20.02 -15.49 14.29
C ALA A 80 -21.17 -16.03 15.15
N LYS A 81 -22.13 -15.15 15.47
CA LYS A 81 -23.20 -15.41 16.40
C LYS A 81 -24.59 -15.54 15.78
N THR A 82 -24.71 -15.50 14.46
CA THR A 82 -25.99 -15.76 13.79
C THR A 82 -25.71 -16.50 12.49
N THR A 83 -26.61 -17.39 12.06
CA THR A 83 -26.43 -18.00 10.75
C THR A 83 -27.06 -17.17 9.64
N LEU A 84 -27.66 -16.05 9.98
CA LEU A 84 -28.14 -15.14 8.97
C LEU A 84 -26.97 -14.56 8.16
N PRO A 85 -27.23 -14.24 6.88
CA PRO A 85 -26.24 -13.53 6.08
C PRO A 85 -25.94 -12.12 6.62
N VAL A 86 -24.66 -11.82 6.75
CA VAL A 86 -24.20 -10.55 7.27
C VAL A 86 -23.43 -9.83 6.17
N LEU A 87 -23.82 -8.60 5.90
CA LEU A 87 -23.22 -7.79 4.86
C LEU A 87 -22.38 -6.79 5.61
N GLY A 88 -21.13 -6.59 5.21
CA GLY A 88 -20.28 -5.59 5.85
C GLY A 88 -19.95 -4.38 4.98
N VAL A 89 -20.05 -3.20 5.59
CA VAL A 89 -19.79 -1.92 4.94
C VAL A 89 -18.58 -1.28 5.63
N PRO A 90 -17.42 -1.25 4.95
CA PRO A 90 -16.26 -0.60 5.55
C PRO A 90 -16.49 0.91 5.54
N VAL A 91 -16.58 1.50 6.71
CA VAL A 91 -16.74 2.97 6.81
C VAL A 91 -15.38 3.64 6.58
N LYS A 92 -15.41 4.74 5.83
CA LYS A 92 -14.18 5.46 5.40
C LYS A 92 -13.60 6.15 6.61
N SER A 93 -12.42 5.68 6.99
CA SER A 93 -11.73 6.15 8.17
C SER A 93 -10.92 7.39 7.80
N SER A 94 -10.82 8.29 8.75
CA SER A 94 -10.14 9.55 8.50
C SER A 94 -8.63 9.35 8.17
N THR A 95 -7.95 8.47 8.89
CA THR A 95 -6.52 8.30 8.69
C THR A 95 -6.21 7.47 7.44
N LEU A 96 -6.76 6.27 7.33
CA LEU A 96 -6.34 5.34 6.28
C LEU A 96 -7.35 5.17 5.12
N ASN A 97 -8.31 6.07 5.08
CA ASN A 97 -9.31 6.09 4.00
C ASN A 97 -10.06 4.79 3.83
N GLY A 98 -10.27 4.09 4.95
CA GLY A 98 -11.11 2.88 4.99
C GLY A 98 -10.33 1.62 4.60
N GLN A 99 -9.03 1.73 4.41
CA GLN A 99 -8.18 0.54 4.06
C GLN A 99 -8.11 -0.47 5.23
N ASP A 100 -8.01 0.09 6.43
CA ASP A 100 -8.09 -0.69 7.66
C ASP A 100 -9.49 -1.30 7.80
N SER A 101 -10.53 -0.49 7.59
CA SER A 101 -11.90 -1.01 7.63
C SER A 101 -12.13 -2.17 6.66
N LEU A 102 -11.68 -1.98 5.42
CA LEU A 102 -11.88 -2.97 4.37
C LEU A 102 -11.19 -4.28 4.72
N LEU A 103 -9.92 -4.23 5.14
CA LEU A 103 -9.21 -5.49 5.43
C LEU A 103 -9.77 -6.22 6.69
N SER A 104 -10.19 -5.43 7.68
CA SER A 104 -10.74 -5.89 8.93
C SER A 104 -12.05 -6.63 8.75
N ILE A 105 -12.76 -6.29 7.68
CA ILE A 105 -14.07 -6.90 7.36
C ILE A 105 -13.90 -8.02 6.33
N VAL A 106 -13.21 -7.75 5.22
CA VAL A 106 -13.19 -8.75 4.15
C VAL A 106 -12.32 -10.00 4.40
N GLN A 107 -11.24 -9.89 5.19
CA GLN A 107 -10.24 -10.95 5.29
C GLN A 107 -10.57 -12.02 6.36
N PRO A 109 -11.14 -15.52 7.81
CA PRO A 109 -10.69 -16.87 7.45
C PRO A 109 -11.91 -17.72 7.18
N ALA A 110 -11.70 -18.92 6.66
CA ALA A 110 -12.79 -19.82 6.28
C ALA A 110 -13.57 -20.20 7.51
N GLY A 111 -14.89 -20.10 7.40
CA GLY A 111 -15.76 -20.60 8.44
C GLY A 111 -16.92 -19.72 8.76
N ILE A 112 -16.65 -18.42 8.86
CA ILE A 112 -17.64 -17.44 9.19
C ILE A 112 -17.54 -16.35 8.15
N PRO A 113 -18.50 -16.34 7.20
CA PRO A 113 -18.32 -15.38 6.13
C PRO A 113 -18.88 -14.00 6.43
N VAL A 114 -18.29 -12.97 5.85
CA VAL A 114 -18.94 -11.63 5.77
C VAL A 114 -18.89 -11.12 4.33
N ALA A 115 -20.06 -10.86 3.74
CA ALA A 115 -20.11 -10.34 2.38
C ALA A 115 -19.73 -8.89 2.47
N THR A 116 -18.66 -8.49 1.79
CA THR A 116 -18.10 -7.14 1.90
C THR A 116 -18.31 -6.33 0.66
N PHE A 117 -18.64 -5.06 0.87
CA PHE A 117 -18.87 -4.08 -0.21
C PHE A 117 -17.85 -2.93 -0.19
N ALA A 118 -17.93 -2.02 -1.17
CA ALA A 118 -16.96 -0.94 -1.31
C ALA A 118 -16.84 -0.14 -0.06
N ILE A 119 -15.66 0.46 0.12
CA ILE A 119 -15.51 1.46 1.13
C ILE A 119 -16.49 2.66 1.00
N GLY A 120 -17.13 3.05 2.10
CA GLY A 120 -17.93 4.27 2.14
C GLY A 120 -19.35 4.09 1.64
N ALA A 122 -20.67 4.20 -1.24
CA ALA A 122 -20.88 3.28 -2.37
C ALA A 122 -21.22 1.89 -1.86
N GLY A 123 -20.45 1.41 -0.89
CA GLY A 123 -20.75 0.12 -0.30
C GLY A 123 -22.04 0.05 0.55
N ALA A 124 -22.36 1.16 1.23
CA ALA A 124 -23.58 1.24 2.00
C ALA A 124 -24.75 1.04 1.05
N LYS A 125 -24.76 1.81 -0.04
CA LYS A 125 -25.79 1.72 -1.04
C LYS A 125 -25.88 0.33 -1.62
N ASN A 126 -24.72 -0.22 -1.99
CA ASN A 126 -24.67 -1.57 -2.57
C ASN A 126 -25.08 -2.66 -1.57
N ALA A 127 -24.76 -2.53 -0.29
CA ALA A 127 -25.29 -3.51 0.69
C ALA A 127 -26.82 -3.55 0.71
N ALA A 128 -27.45 -2.38 0.60
CA ALA A 128 -28.91 -2.35 0.58
C ALA A 128 -29.46 -3.02 -0.66
N LEU A 129 -28.83 -2.75 -1.78
CA LEU A 129 -29.22 -3.39 -3.03
C LEU A 129 -28.98 -4.91 -3.01
N PHE A 130 -27.87 -5.34 -2.40
CA PHE A 130 -27.65 -6.77 -2.28
C PHE A 130 -28.62 -7.44 -1.32
N ALA A 131 -29.01 -6.75 -0.26
CA ALA A 131 -30.05 -7.28 0.64
C ALA A 131 -31.33 -7.55 -0.15
N ALA A 132 -31.70 -6.57 -0.99
CA ALA A 132 -32.85 -6.73 -1.86
C ALA A 132 -32.69 -7.97 -2.75
N SER A 133 -31.51 -8.23 -3.28
CA SER A 133 -31.33 -9.37 -4.16
C SER A 133 -31.40 -10.71 -3.43
N ILE A 134 -31.10 -10.72 -2.13
CA ILE A 134 -31.28 -11.91 -1.31
C ILE A 134 -32.77 -12.12 -1.04
N LEU A 135 -33.48 -11.03 -0.75
CA LEU A 135 -34.86 -11.10 -0.31
C LEU A 135 -35.84 -11.31 -1.46
N GLN A 136 -35.44 -10.92 -2.68
CA GLN A 136 -36.32 -11.01 -3.83
C GLN A 136 -36.90 -12.40 -4.04
N HIS A 137 -36.16 -13.46 -3.72
CA HIS A 137 -36.66 -14.81 -3.94
C HIS A 137 -37.94 -15.11 -3.12
N THR A 138 -38.18 -14.36 -2.04
CA THR A 138 -39.28 -14.61 -1.13
C THR A 138 -40.40 -13.59 -1.24
N ASP A 139 -40.26 -12.61 -2.11
CA ASP A 139 -41.25 -11.55 -2.24
C ASP A 139 -41.27 -10.93 -3.62
N ILE A 140 -42.41 -11.05 -4.31
CA ILE A 140 -42.51 -10.49 -5.67
C ILE A 140 -42.45 -8.97 -5.69
N ASN A 141 -42.86 -8.33 -4.61
CA ASN A 141 -42.84 -6.86 -4.59
C ASN A 141 -41.42 -6.28 -4.48
N ILE A 142 -40.59 -6.90 -3.64
CA ILE A 142 -39.18 -6.52 -3.55
C ILE A 142 -38.50 -6.85 -4.86
N ALA A 143 -38.80 -8.01 -5.44
CA ALA A 143 -38.23 -8.39 -6.75
C ALA A 143 -38.52 -7.33 -7.83
N LYS A 144 -39.77 -6.91 -7.90
CA LYS A 144 -40.17 -5.90 -8.84
C LYS A 144 -39.50 -4.54 -8.57
N ALA A 145 -39.40 -4.17 -7.30
CA ALA A 145 -38.80 -2.87 -6.89
C ALA A 145 -37.33 -2.84 -7.31
N LEU A 146 -36.64 -3.97 -7.14
CA LEU A 146 -35.23 -4.02 -7.51
C LEU A 146 -35.07 -4.00 -9.04
N ALA A 147 -35.86 -4.81 -9.74
CA ALA A 147 -35.85 -4.78 -11.21
C ALA A 147 -36.10 -3.37 -11.70
N GLU A 148 -37.00 -2.66 -11.05
CA GLU A 148 -37.31 -1.31 -11.47
C GLU A 148 -36.19 -0.29 -11.16
N PHE A 149 -35.62 -0.39 -9.97
CA PHE A 149 -34.41 0.37 -9.66
C PHE A 149 -33.34 0.19 -10.75
N ARG A 150 -33.05 -1.04 -11.15
CA ARG A 150 -32.00 -1.30 -12.13
C ARG A 150 -32.39 -0.73 -13.49
N ALA A 151 -33.64 -0.96 -13.87
CA ALA A 151 -34.18 -0.49 -15.14
C ALA A 151 -34.04 1.01 -15.21
N GLU A 152 -34.27 1.70 -14.10
CA GLU A 152 -34.20 3.15 -14.05
C GLU A 152 -32.78 3.68 -14.14
N GLN A 153 -31.83 3.06 -13.43
CA GLN A 153 -30.45 3.56 -13.47
C GLN A 153 -29.86 3.36 -14.87
N THR A 154 -30.31 2.30 -15.56
CA THR A 154 -29.92 1.99 -16.92
C THR A 154 -30.49 3.02 -17.90
N ARG A 155 -31.79 3.30 -17.78
CA ARG A 155 -32.46 4.30 -18.61
C ARG A 155 -31.85 5.71 -18.43
N PHE A 156 -31.55 6.10 -17.19
CA PHE A 156 -30.86 7.36 -16.88
C PHE A 156 -29.55 7.58 -17.64
N VAL A 157 -28.75 6.54 -17.80
CA VAL A 157 -27.54 6.64 -18.59
C VAL A 157 -27.84 6.61 -20.12
N LEU A 158 -28.74 5.74 -20.57
CA LEU A 158 -29.06 5.65 -22.02
C LEU A 158 -29.65 6.98 -22.52
N GLU A 159 -30.41 7.63 -21.66
CA GLU A 159 -31.09 8.88 -22.02
C GLU A 159 -30.17 10.07 -21.93
N ASN A 160 -29.01 9.89 -21.31
CA ASN A 160 -28.08 11.00 -21.11
C ASN A 160 -26.65 10.67 -21.58
N PRO A 161 -26.47 10.33 -22.87
CA PRO A 161 -25.15 9.92 -23.39
C PRO A 161 -24.08 11.01 -23.43
N ASP A 162 -24.49 12.27 -23.51
CA ASP A 162 -23.55 13.37 -23.71
C ASP A 162 -23.13 13.94 -22.37
N PRO A 163 -21.82 13.89 -22.07
CA PRO A 163 -21.37 14.38 -20.78
C PRO A 163 -21.20 15.90 -20.81
N ARG A 164 -21.20 16.45 -22.02
CA ARG A 164 -20.93 17.87 -22.26
C ARG A 164 -21.98 18.74 -21.58
N SER B 5 30.27 31.76 -3.98
CA SER B 5 30.41 30.94 -5.19
C SER B 5 29.19 30.05 -5.40
N VAL B 6 28.87 29.76 -6.66
CA VAL B 6 27.70 28.96 -7.01
C VAL B 6 28.14 27.49 -7.00
N GLN B 7 27.76 26.80 -5.93
CA GLN B 7 28.21 25.43 -5.67
C GLN B 7 27.12 24.36 -5.81
N VAL B 8 25.86 24.76 -5.72
CA VAL B 8 24.73 23.84 -5.83
C VAL B 8 23.81 24.24 -6.98
N GLY B 9 23.46 23.24 -7.80
CA GLY B 9 22.43 23.42 -8.77
C GLY B 9 21.14 22.82 -8.24
N VAL B 10 20.09 23.62 -8.13
CA VAL B 10 18.79 23.17 -7.72
C VAL B 10 17.88 23.18 -8.95
N ILE B 11 17.45 22.00 -9.35
CA ILE B 11 16.70 21.83 -10.58
C ILE B 11 15.39 21.03 -10.33
N GLY B 13 11.57 19.49 -12.49
CA GLY B 13 10.95 19.15 -13.76
C GLY B 13 9.94 20.14 -14.28
N SER B 14 9.31 20.93 -13.39
CA SER B 14 8.28 21.89 -13.79
C SER B 14 8.15 22.98 -12.76
N LYS B 15 7.57 24.12 -13.19
CA LYS B 15 7.36 25.26 -12.30
C LYS B 15 6.44 24.88 -11.13
N SER B 16 5.53 23.94 -11.33
CA SER B 16 4.62 23.52 -10.25
C SER B 16 5.37 22.82 -9.10
N ASP B 17 6.64 22.43 -9.32
CA ASP B 17 7.50 21.90 -8.26
C ASP B 17 8.15 23.00 -7.40
N TRP B 18 8.01 24.27 -7.80
CA TRP B 18 8.66 25.36 -7.06
C TRP B 18 8.18 25.60 -5.63
N SER B 19 6.89 25.42 -5.36
CA SER B 19 6.40 25.57 -3.99
C SER B 19 7.13 24.66 -3.02
N THR B 20 7.61 23.52 -3.53
CA THR B 20 8.41 22.60 -2.72
C THR B 20 9.89 23.00 -2.79
N LYS B 22 11.41 25.72 -3.48
CA LYS B 22 11.76 27.01 -2.90
C LYS B 22 12.19 26.85 -1.46
N GLU B 23 11.68 25.82 -0.79
CA GLU B 23 12.06 25.57 0.59
C GLU B 23 13.52 25.08 0.69
N CYS B 24 13.98 24.34 -0.32
CA CYS B 24 15.39 23.98 -0.46
C CYS B 24 16.28 25.22 -0.64
N CYS B 25 15.90 26.10 -1.58
CA CYS B 25 16.61 27.35 -1.81
C CYS B 25 16.61 28.27 -0.59
N ASP B 26 15.46 28.39 0.09
CA ASP B 26 15.42 29.12 1.37
C ASP B 26 16.49 28.66 2.39
N ILE B 27 16.67 27.35 2.55
CA ILE B 27 17.72 26.86 3.48
C ILE B 27 19.13 27.22 2.99
N LEU B 28 19.37 27.08 1.69
CA LEU B 28 20.67 27.42 1.11
C LEU B 28 20.94 28.92 1.34
N ASP B 29 19.92 29.75 1.12
CA ASP B 29 20.03 31.20 1.39
C ASP B 29 20.37 31.50 2.84
N ASN B 30 19.62 30.90 3.75
CA ASN B 30 19.85 31.06 5.18
C ASN B 30 21.27 30.64 5.58
N LEU B 31 21.82 29.62 4.91
CA LEU B 31 23.16 29.11 5.22
C LEU B 31 24.26 29.82 4.43
N GLY B 32 23.88 30.79 3.60
CA GLY B 32 24.84 31.52 2.80
C GLY B 32 25.52 30.72 1.71
N ILE B 33 24.82 29.67 1.21
CA ILE B 33 25.39 28.83 0.18
C ILE B 33 24.94 29.35 -1.17
N GLY B 34 25.87 29.46 -2.12
CA GLY B 34 25.53 29.94 -3.45
C GLY B 34 24.95 28.84 -4.31
N TYR B 35 23.90 29.19 -5.04
CA TYR B 35 23.19 28.21 -5.86
C TYR B 35 22.53 28.88 -7.05
N GLU B 36 22.11 28.06 -8.00
CA GLU B 36 21.30 28.48 -9.13
C GLU B 36 20.07 27.60 -9.09
N CYS B 37 18.94 28.12 -9.52
CA CYS B 37 17.72 27.32 -9.57
C CYS B 37 17.17 27.36 -10.97
N GLU B 38 16.71 26.23 -11.49
CA GLU B 38 16.30 26.20 -12.89
C GLU B 38 15.25 25.11 -13.13
N VAL B 39 14.32 25.38 -14.04
CA VAL B 39 13.36 24.34 -14.49
C VAL B 39 14.07 23.61 -15.63
N VAL B 40 14.33 22.32 -15.39
CA VAL B 40 14.96 21.38 -16.35
C VAL B 40 14.12 20.12 -16.41
N SER B 41 13.41 19.90 -17.51
CA SER B 41 12.47 18.78 -17.62
C SER B 41 13.13 17.57 -18.28
N ALA B 42 13.12 16.44 -17.58
CA ALA B 42 13.63 15.17 -18.12
C ALA B 42 12.79 14.75 -19.34
N HIS B 43 11.49 15.07 -19.31
CA HIS B 43 10.59 14.59 -20.31
C HIS B 43 10.40 15.55 -21.45
N ARG B 44 10.27 16.82 -21.12
CA ARG B 44 9.98 17.86 -22.10
C ARG B 44 11.24 18.56 -22.62
N THR B 45 12.36 18.53 -21.89
CA THR B 45 13.60 19.10 -22.39
C THR B 45 14.76 18.15 -22.17
N PRO B 46 14.63 16.94 -22.75
CA PRO B 46 15.68 15.96 -22.45
C PRO B 46 17.10 16.33 -22.87
N ASP B 47 17.25 17.04 -23.98
CA ASP B 47 18.59 17.38 -24.45
C ASP B 47 19.20 18.42 -23.52
N LYS B 48 18.42 19.41 -23.09
CA LYS B 48 18.90 20.37 -22.12
C LYS B 48 19.28 19.68 -20.81
N PHE B 50 20.43 16.60 -20.39
CA PHE B 50 21.74 15.98 -20.62
C PHE B 50 22.86 17.04 -20.60
N ASP B 51 22.62 18.18 -21.24
CA ASP B 51 23.64 19.24 -21.25
C ASP B 51 23.93 19.78 -19.85
N TYR B 52 22.87 20.01 -19.08
CA TYR B 52 23.04 20.54 -17.73
C TYR B 52 23.93 19.60 -16.89
N ALA B 53 23.62 18.31 -16.98
CA ALA B 53 24.35 17.30 -16.23
C ALA B 53 25.78 17.22 -16.72
N GLU B 54 25.95 17.13 -18.03
CA GLU B 54 27.29 16.99 -18.64
C GLU B 54 28.23 18.10 -18.24
N THR B 55 27.71 19.33 -18.19
CA THR B 55 28.56 20.48 -17.95
C THR B 55 28.66 20.90 -16.50
N ALA B 56 27.88 20.29 -15.65
CA ALA B 56 27.80 20.78 -14.28
C ALA B 56 29.17 20.92 -13.58
N LYS B 57 30.01 19.90 -13.69
CA LYS B 57 31.29 19.88 -13.02
C LYS B 57 32.18 21.02 -13.53
N GLU B 58 32.21 21.20 -14.84
CA GLU B 58 33.08 22.24 -15.40
C GLU B 58 32.55 23.64 -15.04
N ARG B 59 31.24 23.74 -14.77
CA ARG B 59 30.60 25.02 -14.42
C ARG B 59 30.85 25.37 -12.95
N GLY B 60 31.56 24.51 -12.23
CA GLY B 60 31.89 24.73 -10.82
C GLY B 60 30.86 24.20 -9.81
N LEU B 61 29.83 23.48 -10.28
CA LEU B 61 28.86 22.93 -9.34
C LEU B 61 29.50 21.73 -8.63
N LYS B 62 29.16 21.53 -7.36
CA LYS B 62 29.68 20.40 -6.56
C LYS B 62 28.61 19.37 -6.16
N VAL B 63 27.34 19.80 -6.16
CA VAL B 63 26.19 18.96 -5.83
C VAL B 63 24.99 19.44 -6.64
N ILE B 64 24.17 18.49 -7.10
CA ILE B 64 22.92 18.84 -7.76
C ILE B 64 21.77 18.31 -6.92
N ILE B 65 20.79 19.16 -6.68
CA ILE B 65 19.57 18.80 -5.98
C ILE B 65 18.43 18.86 -7.03
N ALA B 66 17.77 17.73 -7.23
CA ALA B 66 16.74 17.59 -8.26
C ALA B 66 15.43 17.12 -7.69
N GLY B 67 14.37 17.87 -7.96
CA GLY B 67 13.04 17.49 -7.53
C GLY B 67 12.14 17.18 -8.70
N ALA B 68 11.32 16.14 -8.56
CA ALA B 68 10.29 15.86 -9.54
C ALA B 68 9.18 15.03 -8.89
N GLY B 69 8.03 15.06 -9.57
CA GLY B 69 6.87 14.31 -9.08
C GLY B 69 6.39 13.26 -10.06
N GLY B 70 5.47 12.42 -9.61
CA GLY B 70 4.93 11.37 -10.43
C GLY B 70 6.00 10.34 -10.75
N ALA B 71 6.10 10.02 -12.05
CA ALA B 71 7.15 9.13 -12.54
C ALA B 71 8.36 10.05 -12.63
N ALA B 72 9.07 10.16 -11.54
CA ALA B 72 10.07 11.22 -11.36
C ALA B 72 11.42 10.67 -11.84
N HIS B 73 11.79 11.03 -13.06
CA HIS B 73 13.02 10.51 -13.66
C HIS B 73 14.20 11.49 -13.62
N LEU B 74 13.94 12.76 -13.33
CA LEU B 74 14.96 13.78 -13.42
C LEU B 74 16.19 13.49 -12.57
N PRO B 75 16.00 13.16 -11.27
CA PRO B 75 17.22 12.92 -10.50
C PRO B 75 18.07 11.75 -11.01
N GLY B 76 17.44 10.67 -11.41
CA GLY B 76 18.20 9.47 -11.85
C GLY B 76 18.91 9.71 -13.19
N VAL B 78 19.90 12.75 -14.51
CA VAL B 78 21.04 13.61 -14.19
C VAL B 78 22.21 12.78 -13.60
N ALA B 79 21.89 11.94 -12.64
CA ALA B 79 22.93 11.18 -11.98
C ALA B 79 23.62 10.28 -12.99
N ALA B 80 22.89 9.86 -14.02
CA ALA B 80 23.50 9.01 -15.06
C ALA B 80 24.57 9.74 -15.91
N LYS B 81 24.50 11.06 -15.94
CA LYS B 81 25.28 11.91 -16.85
C LYS B 81 26.26 12.84 -16.16
N THR B 82 26.42 12.73 -14.84
CA THR B 82 27.48 13.43 -14.09
C THR B 82 28.01 12.53 -12.99
N THR B 83 29.28 12.66 -12.62
CA THR B 83 29.76 11.95 -11.43
C THR B 83 29.62 12.79 -10.17
N LEU B 84 29.07 14.00 -10.28
CA LEU B 84 28.70 14.77 -9.11
C LEU B 84 27.60 14.05 -8.28
N PRO B 85 27.59 14.24 -6.95
CA PRO B 85 26.50 13.73 -6.13
C PRO B 85 25.19 14.37 -6.47
N VAL B 86 24.15 13.54 -6.72
CA VAL B 86 22.82 14.04 -7.00
C VAL B 86 21.91 13.68 -5.83
N LEU B 87 21.18 14.67 -5.33
CA LEU B 87 20.23 14.47 -4.27
C LEU B 87 18.81 14.54 -4.88
N GLY B 88 17.94 13.58 -4.59
CA GLY B 88 16.57 13.58 -5.16
C GLY B 88 15.53 13.92 -4.13
N VAL B 89 14.64 14.86 -4.50
CA VAL B 89 13.52 15.25 -3.65
C VAL B 89 12.23 14.81 -4.29
N PRO B 90 11.50 13.87 -3.69
CA PRO B 90 10.19 13.47 -4.24
C PRO B 90 9.14 14.53 -3.96
N VAL B 91 8.61 15.09 -5.03
CA VAL B 91 7.56 16.09 -4.89
C VAL B 91 6.24 15.35 -4.68
N LYS B 92 5.48 15.84 -3.71
CA LYS B 92 4.21 15.29 -3.34
C LYS B 92 3.26 15.50 -4.47
N SER B 93 2.91 14.37 -5.04
CA SER B 93 1.91 14.29 -6.07
C SER B 93 0.50 14.38 -5.48
N SER B 94 -0.37 15.11 -6.15
CA SER B 94 -1.79 15.22 -5.75
C SER B 94 -2.56 13.87 -5.69
N THR B 95 -2.18 12.89 -6.53
CA THR B 95 -2.93 11.64 -6.54
C THR B 95 -2.39 10.64 -5.51
N LEU B 96 -1.11 10.30 -5.61
CA LEU B 96 -0.53 9.22 -4.78
C LEU B 96 0.34 9.76 -3.64
N ASN B 97 0.20 11.05 -3.31
CA ASN B 97 0.89 11.62 -2.16
C ASN B 97 2.42 11.40 -2.19
N GLY B 98 3.02 11.40 -3.38
CA GLY B 98 4.48 11.35 -3.51
C GLY B 98 4.99 9.90 -3.40
N GLN B 99 4.09 8.92 -3.29
CA GLN B 99 4.57 7.52 -3.22
C GLN B 99 5.18 7.07 -4.56
N ASP B 100 4.53 7.51 -5.64
CA ASP B 100 5.10 7.31 -6.96
C ASP B 100 6.45 8.01 -7.09
N SER B 101 6.50 9.29 -6.67
CA SER B 101 7.74 10.07 -6.74
C SER B 101 8.85 9.38 -5.98
N LEU B 102 8.53 8.89 -4.79
CA LEU B 102 9.54 8.33 -3.89
C LEU B 102 10.15 7.08 -4.50
N LEU B 103 9.33 6.17 -4.97
CA LEU B 103 9.81 4.90 -5.53
C LEU B 103 10.60 5.10 -6.83
N SER B 104 10.15 6.06 -7.65
CA SER B 104 10.76 6.41 -8.93
C SER B 104 12.16 6.98 -8.75
N ILE B 105 12.43 7.58 -7.57
CA ILE B 105 13.74 8.15 -7.26
C ILE B 105 14.63 7.22 -6.46
N VAL B 106 14.11 6.65 -5.38
CA VAL B 106 14.96 5.87 -4.49
C VAL B 106 15.34 4.49 -5.02
N GLN B 107 14.49 3.85 -5.85
CA GLN B 107 14.70 2.44 -6.23
C GLN B 107 15.66 2.26 -7.43
N PRO B 109 18.59 0.90 -9.40
CA PRO B 109 19.40 -0.28 -9.36
C PRO B 109 20.86 0.09 -9.15
N ALA B 110 21.69 -0.90 -8.78
CA ALA B 110 23.11 -0.63 -8.51
C ALA B 110 23.83 -0.04 -9.73
N GLY B 111 24.63 1.00 -9.48
CA GLY B 111 25.55 1.55 -10.47
C GLY B 111 25.50 3.05 -10.58
N ILE B 112 24.30 3.60 -10.44
CA ILE B 112 24.06 5.04 -10.53
C ILE B 112 23.19 5.45 -9.34
N PRO B 113 23.83 6.01 -8.31
CA PRO B 113 23.05 6.32 -7.13
C PRO B 113 22.34 7.67 -7.14
N VAL B 114 21.20 7.76 -6.47
CA VAL B 114 20.57 9.04 -6.10
C VAL B 114 20.24 9.04 -4.62
N ALA B 115 20.81 9.99 -3.90
CA ALA B 115 20.54 10.15 -2.47
C ALA B 115 19.16 10.73 -2.34
N THR B 116 18.26 9.99 -1.71
CA THR B 116 16.84 10.37 -1.64
C THR B 116 16.43 10.84 -0.25
N PHE B 117 15.62 11.90 -0.20
CA PHE B 117 15.10 12.44 1.06
C PHE B 117 13.59 12.32 1.13
N ALA B 118 13.01 12.74 2.25
CA ALA B 118 11.58 12.64 2.50
C ALA B 118 10.73 13.26 1.42
N ILE B 119 9.53 12.74 1.28
CA ILE B 119 8.60 13.28 0.36
C ILE B 119 8.28 14.72 0.76
N GLY B 120 8.27 15.59 -0.22
CA GLY B 120 7.75 16.96 0.01
C GLY B 120 8.75 17.96 0.60
N ALA B 122 9.81 18.52 3.58
CA ALA B 122 10.75 18.00 4.56
C ALA B 122 12.01 17.57 3.80
N GLY B 123 11.81 16.81 2.73
CA GLY B 123 12.92 16.38 1.90
C GLY B 123 13.66 17.51 1.17
N ALA B 124 12.93 18.51 0.67
CA ALA B 124 13.58 19.69 0.08
C ALA B 124 14.54 20.36 1.07
N LYS B 125 14.04 20.65 2.27
CA LYS B 125 14.90 21.27 3.30
C LYS B 125 16.06 20.36 3.66
N ASN B 126 15.77 19.08 3.87
CA ASN B 126 16.84 18.12 4.19
C ASN B 126 17.88 17.93 3.09
N ALA B 127 17.47 18.01 1.82
CA ALA B 127 18.47 17.93 0.75
C ALA B 127 19.48 19.08 0.83
N ALA B 128 18.99 20.27 1.14
CA ALA B 128 19.84 21.46 1.30
C ALA B 128 20.82 21.28 2.45
N LEU B 129 20.30 20.84 3.60
CA LEU B 129 21.14 20.57 4.76
C LEU B 129 22.17 19.49 4.46
N PHE B 130 21.77 18.45 3.73
CA PHE B 130 22.72 17.38 3.36
C PHE B 130 23.81 17.88 2.40
N ALA B 131 23.41 18.72 1.43
CA ALA B 131 24.37 19.34 0.53
C ALA B 131 25.39 20.14 1.36
N ALA B 132 24.88 20.95 2.30
CA ALA B 132 25.74 21.66 3.27
C ALA B 132 26.74 20.70 3.98
N SER B 133 26.26 19.54 4.37
CA SER B 133 27.04 18.57 5.06
C SER B 133 28.15 18.02 4.17
N ILE B 134 27.93 17.99 2.86
CA ILE B 134 28.99 17.62 1.91
C ILE B 134 29.94 18.79 1.71
N LEU B 135 29.41 20.00 1.52
CA LEU B 135 30.25 21.16 1.14
C LEU B 135 31.11 21.68 2.28
N GLN B 136 30.74 21.36 3.52
CA GLN B 136 31.39 21.95 4.70
C GLN B 136 32.82 21.49 4.81
N HIS B 137 33.13 20.33 4.25
CA HIS B 137 34.47 19.80 4.35
C HIS B 137 35.58 20.73 3.75
N THR B 138 35.22 21.54 2.76
CA THR B 138 36.11 22.50 2.11
C THR B 138 35.58 23.95 2.13
N ASP B 139 34.78 24.31 3.12
CA ASP B 139 34.18 25.66 3.22
C ASP B 139 33.83 25.97 4.67
N ILE B 140 34.71 26.74 5.31
CA ILE B 140 34.58 27.01 6.74
C ILE B 140 33.32 27.75 7.04
N ASN B 141 32.94 28.68 6.17
CA ASN B 141 31.71 29.43 6.36
C ASN B 141 30.53 28.46 6.44
N ILE B 142 30.52 27.45 5.57
CA ILE B 142 29.40 26.46 5.55
C ILE B 142 29.41 25.61 6.79
N ALA B 143 30.58 25.12 7.20
CA ALA B 143 30.69 24.35 8.46
C ALA B 143 30.09 25.14 9.63
N LYS B 144 30.43 26.42 9.71
CA LYS B 144 29.94 27.28 10.78
C LYS B 144 28.44 27.49 10.69
N ALA B 145 27.96 27.78 9.48
CA ALA B 145 26.52 28.05 9.30
C ALA B 145 25.63 26.81 9.62
N LEU B 146 26.13 25.63 9.28
CA LEU B 146 25.42 24.35 9.48
C LEU B 146 25.40 24.00 10.97
N ALA B 147 26.57 24.19 11.61
CA ALA B 147 26.68 24.03 13.06
C ALA B 147 25.75 24.96 13.80
N GLU B 148 25.66 26.22 13.40
CA GLU B 148 24.74 27.16 14.04
C GLU B 148 23.28 26.76 13.83
N PHE B 149 22.97 26.28 12.61
CA PHE B 149 21.63 25.76 12.30
C PHE B 149 21.24 24.65 13.26
N ARG B 150 22.12 23.67 13.43
CA ARG B 150 21.82 22.55 14.30
C ARG B 150 21.79 22.95 15.77
N ALA B 151 22.67 23.87 16.17
CA ALA B 151 22.71 24.39 17.55
C ALA B 151 21.37 25.05 17.85
N GLU B 152 20.91 25.82 16.87
CA GLU B 152 19.68 26.58 17.03
C GLU B 152 18.48 25.65 17.19
N GLN B 153 18.42 24.59 16.39
CA GLN B 153 17.25 23.73 16.40
C GLN B 153 17.20 22.91 17.70
N THR B 154 18.38 22.57 18.24
CA THR B 154 18.46 21.96 19.55
C THR B 154 18.02 22.91 20.68
N ARG B 155 18.58 24.11 20.68
CA ARG B 155 18.23 25.15 21.65
C ARG B 155 16.73 25.46 21.68
N PHE B 156 16.11 25.51 20.51
CA PHE B 156 14.67 25.77 20.40
C PHE B 156 13.77 24.75 21.12
N VAL B 157 14.16 23.48 21.07
CA VAL B 157 13.43 22.46 21.80
C VAL B 157 13.76 22.58 23.31
N LEU B 158 15.03 22.74 23.64
CA LEU B 158 15.42 22.79 25.07
C LEU B 158 14.77 23.97 25.82
N GLU B 159 14.60 25.09 25.13
CA GLU B 159 14.09 26.31 25.73
C GLU B 159 12.56 26.34 25.80
N ASN B 160 11.91 25.42 25.06
CA ASN B 160 10.46 25.31 25.02
C ASN B 160 10.00 23.86 25.29
N PRO B 161 10.28 23.35 26.49
CA PRO B 161 9.96 21.93 26.78
C PRO B 161 8.47 21.63 27.02
N ASP B 162 7.67 22.62 27.38
CA ASP B 162 6.30 22.37 27.81
C ASP B 162 5.34 22.63 26.65
N PRO B 163 4.68 21.58 26.15
CA PRO B 163 3.86 21.79 24.98
C PRO B 163 2.56 22.56 25.26
N ARG B 164 2.21 22.73 26.52
CA ARG B 164 1.03 23.49 26.91
C ARG B 164 1.24 25.00 26.76
N GLU B 165 2.47 25.41 26.50
CA GLU B 165 2.82 26.82 26.27
C GLU B 165 1.98 27.50 25.17
N SER C 5 -14.66 13.61 -39.92
CA SER C 5 -14.01 12.28 -39.79
C SER C 5 -13.75 12.00 -38.33
N VAL C 6 -14.47 11.04 -37.78
CA VAL C 6 -14.40 10.73 -36.37
C VAL C 6 -13.54 9.47 -36.22
N GLN C 7 -12.34 9.61 -35.66
CA GLN C 7 -11.42 8.48 -35.57
C GLN C 7 -11.21 7.94 -34.13
N VAL C 8 -11.56 8.75 -33.16
CA VAL C 8 -11.37 8.34 -31.76
C VAL C 8 -12.71 8.34 -31.05
N GLY C 9 -13.00 7.26 -30.30
CA GLY C 9 -14.11 7.25 -29.41
C GLY C 9 -13.65 7.46 -27.97
N VAL C 10 -14.17 8.51 -27.34
CA VAL C 10 -13.84 8.82 -25.95
C VAL C 10 -15.05 8.46 -25.10
N ILE C 11 -14.92 7.41 -24.28
CA ILE C 11 -16.05 6.96 -23.47
C ILE C 11 -15.69 6.95 -21.98
N GLY C 13 -17.45 5.85 -17.86
CA GLY C 13 -18.49 5.11 -17.13
C GLY C 13 -19.60 5.96 -16.55
N SER C 14 -19.31 7.21 -16.22
CA SER C 14 -20.34 8.08 -15.69
C SER C 14 -20.03 9.54 -15.98
N LYS C 15 -21.08 10.37 -15.93
CA LYS C 15 -20.91 11.78 -16.19
C LYS C 15 -19.97 12.45 -15.22
N SER C 16 -19.80 11.88 -14.05
CA SER C 16 -18.90 12.49 -13.07
C SER C 16 -17.43 12.36 -13.50
N ASP C 17 -17.14 11.47 -14.45
CA ASP C 17 -15.79 11.39 -15.03
C ASP C 17 -15.47 12.53 -16.02
N TRP C 18 -16.44 13.39 -16.34
CA TRP C 18 -16.23 14.40 -17.37
C TRP C 18 -15.16 15.43 -17.01
N SER C 19 -15.01 15.80 -15.73
CA SER C 19 -13.99 16.84 -15.43
C SER C 19 -12.57 16.30 -15.70
N THR C 20 -12.43 14.99 -15.70
CA THR C 20 -11.19 14.34 -16.12
C THR C 20 -11.12 14.12 -17.64
N LYS C 22 -12.72 15.47 -20.10
CA LYS C 22 -12.74 16.68 -20.90
C LYS C 22 -11.34 17.12 -21.31
N GLU C 23 -10.35 16.82 -20.49
CA GLU C 23 -8.97 17.20 -20.75
C GLU C 23 -8.40 16.36 -21.91
N CYS C 24 -8.90 15.13 -22.08
CA CYS C 24 -8.55 14.31 -23.23
C CYS C 24 -9.13 14.96 -24.48
N CYS C 25 -10.43 15.28 -24.42
CA CYS C 25 -11.13 15.88 -25.57
C CYS C 25 -10.48 17.22 -25.98
N ASP C 26 -10.08 18.03 -25.00
CA ASP C 26 -9.41 19.31 -25.28
C ASP C 26 -8.14 19.10 -26.12
N ILE C 27 -7.34 18.10 -25.78
CA ILE C 27 -6.13 17.80 -26.55
C ILE C 27 -6.47 17.33 -27.96
N LEU C 28 -7.41 16.40 -28.10
CA LEU C 28 -7.83 15.96 -29.46
C LEU C 28 -8.33 17.15 -30.35
N ASP C 29 -9.03 18.09 -29.74
CA ASP C 29 -9.47 19.31 -30.46
C ASP C 29 -8.26 20.14 -30.89
N ASN C 30 -7.31 20.33 -29.98
CA ASN C 30 -6.12 21.13 -30.30
C ASN C 30 -5.26 20.48 -31.40
N LEU C 31 -5.23 19.15 -31.46
CA LEU C 31 -4.52 18.46 -32.53
C LEU C 31 -5.30 18.24 -33.82
N GLY C 32 -6.55 18.70 -33.88
CA GLY C 32 -7.41 18.53 -35.06
C GLY C 32 -7.90 17.11 -35.32
N ILE C 33 -7.98 16.29 -34.26
CA ILE C 33 -8.42 14.90 -34.41
C ILE C 33 -9.90 14.82 -34.12
N GLY C 34 -10.60 14.15 -35.02
CA GLY C 34 -12.04 13.97 -34.91
C GLY C 34 -12.38 12.93 -33.83
N TYR C 35 -13.32 13.28 -32.97
CA TYR C 35 -13.71 12.35 -31.90
C TYR C 35 -15.18 12.45 -31.61
N GLU C 36 -15.67 11.42 -30.94
CA GLU C 36 -16.97 11.43 -30.31
C GLU C 36 -16.74 11.16 -28.84
N CYS C 37 -17.62 11.72 -28.00
N CYS C 37 -17.68 11.65 -28.04
CA CYS C 37 -17.52 11.52 -26.53
CA CYS C 37 -17.59 11.50 -26.61
C CYS C 37 -18.88 11.12 -25.95
C CYS C 37 -18.93 10.98 -26.12
N GLU C 38 -18.91 10.02 -25.20
CA GLU C 38 -20.16 9.42 -24.76
C GLU C 38 -20.04 8.79 -23.38
N VAL C 39 -21.12 8.83 -22.62
CA VAL C 39 -21.20 8.05 -21.38
C VAL C 39 -21.73 6.67 -21.74
N VAL C 40 -20.91 5.67 -21.43
CA VAL C 40 -21.14 4.23 -21.68
C VAL C 40 -20.75 3.51 -20.38
N SER C 41 -21.73 3.04 -19.59
CA SER C 41 -21.41 2.39 -18.30
C SER C 41 -21.31 0.89 -18.49
N ALA C 42 -20.16 0.30 -18.12
CA ALA C 42 -19.98 -1.13 -18.16
C ALA C 42 -20.98 -1.83 -17.24
N HIS C 43 -21.33 -1.22 -16.10
CA HIS C 43 -22.20 -1.89 -15.14
C HIS C 43 -23.66 -1.54 -15.28
N ARG C 44 -23.99 -0.30 -15.64
CA ARG C 44 -25.39 0.12 -15.75
C ARG C 44 -25.92 0.00 -17.18
N THR C 45 -25.04 0.05 -18.20
CA THR C 45 -25.44 -0.15 -19.60
C THR C 45 -24.55 -1.21 -20.29
N PRO C 46 -24.51 -2.44 -19.77
CA PRO C 46 -23.62 -3.46 -20.32
C PRO C 46 -23.91 -3.82 -21.79
N ASP C 47 -25.18 -3.80 -22.19
CA ASP C 47 -25.53 -4.11 -23.59
C ASP C 47 -25.06 -3.02 -24.52
N LYS C 48 -25.28 -1.77 -24.13
CA LYS C 48 -24.80 -0.66 -24.94
C LYS C 48 -23.27 -0.68 -25.09
N PHE C 50 -21.30 -3.37 -24.97
CA PHE C 50 -20.96 -4.45 -25.91
C PHE C 50 -21.18 -4.01 -27.35
N ASP C 51 -22.31 -3.35 -27.60
CA ASP C 51 -22.64 -2.88 -28.94
C ASP C 51 -21.68 -1.78 -29.43
N TYR C 52 -21.29 -0.87 -28.53
CA TYR C 52 -20.31 0.16 -28.85
C TYR C 52 -19.01 -0.47 -29.30
N ALA C 53 -18.50 -1.40 -28.49
CA ALA C 53 -17.25 -2.06 -28.82
C ALA C 53 -17.36 -2.86 -30.12
N GLU C 54 -18.43 -3.66 -30.23
CA GLU C 54 -18.63 -4.52 -31.40
C GLU C 54 -18.65 -3.76 -32.73
N THR C 55 -19.26 -2.58 -32.75
CA THR C 55 -19.47 -1.82 -33.98
C THR C 55 -18.46 -0.67 -34.17
N ALA C 56 -17.48 -0.56 -33.28
CA ALA C 56 -16.58 0.58 -33.36
C ALA C 56 -15.83 0.64 -34.69
N LYS C 57 -15.25 -0.48 -35.10
CA LYS C 57 -14.53 -0.56 -36.36
C LYS C 57 -15.45 -0.27 -37.57
N GLU C 58 -16.63 -0.87 -37.58
CA GLU C 58 -17.69 -0.60 -38.58
C GLU C 58 -17.98 0.90 -38.67
N ARG C 59 -18.08 1.55 -37.51
CA ARG C 59 -18.37 2.98 -37.46
C ARG C 59 -17.18 3.91 -37.81
N GLY C 60 -16.03 3.34 -38.14
CA GLY C 60 -14.88 4.11 -38.58
C GLY C 60 -13.92 4.55 -37.50
N LEU C 61 -14.18 4.12 -36.27
CA LEU C 61 -13.24 4.39 -35.18
C LEU C 61 -11.94 3.62 -35.37
N LYS C 62 -10.84 4.25 -34.97
CA LYS C 62 -9.51 3.68 -35.02
C LYS C 62 -8.91 3.39 -33.62
N VAL C 63 -9.35 4.15 -32.61
CA VAL C 63 -8.81 4.00 -31.26
C VAL C 63 -9.94 4.29 -30.32
N ILE C 64 -9.95 3.60 -29.18
CA ILE C 64 -10.97 3.92 -28.18
C ILE C 64 -10.24 4.33 -26.93
N ILE C 65 -10.64 5.46 -26.33
CA ILE C 65 -10.13 5.91 -25.04
C ILE C 65 -11.23 5.80 -24.02
N ALA C 66 -10.99 5.05 -22.93
CA ALA C 66 -12.01 4.76 -21.95
C ALA C 66 -11.54 5.05 -20.54
N GLY C 67 -12.31 5.92 -19.85
CA GLY C 67 -12.04 6.29 -18.50
C GLY C 67 -13.05 5.68 -17.55
N ALA C 68 -12.57 5.23 -16.40
CA ALA C 68 -13.42 4.67 -15.35
C ALA C 68 -12.66 4.68 -14.00
N GLY C 69 -13.41 4.79 -12.92
CA GLY C 69 -12.84 4.73 -11.55
C GLY C 69 -13.29 3.53 -10.74
N GLY C 70 -12.66 3.33 -9.59
CA GLY C 70 -13.15 2.34 -8.63
C GLY C 70 -12.76 0.98 -9.16
N ALA C 71 -13.72 0.07 -9.16
CA ALA C 71 -13.60 -1.21 -9.86
C ALA C 71 -13.89 -0.84 -11.32
N ALA C 72 -12.80 -0.52 -12.03
CA ALA C 72 -12.87 0.07 -13.35
C ALA C 72 -12.79 -1.00 -14.41
N HIS C 73 -13.94 -1.43 -14.92
CA HIS C 73 -14.00 -2.55 -15.87
C HIS C 73 -14.25 -2.09 -17.29
N LEU C 74 -14.70 -0.82 -17.49
CA LEU C 74 -15.00 -0.38 -18.87
C LEU C 74 -13.88 -0.58 -19.93
N PRO C 75 -12.62 -0.19 -19.63
CA PRO C 75 -11.63 -0.40 -20.67
C PRO C 75 -11.37 -1.85 -21.04
N GLY C 76 -11.29 -2.72 -20.05
CA GLY C 76 -10.98 -4.15 -20.28
C GLY C 76 -12.10 -4.84 -21.01
N VAL C 78 -14.37 -3.36 -23.07
CA VAL C 78 -14.35 -2.90 -24.46
C VAL C 78 -13.26 -3.62 -25.24
N ALA C 79 -12.07 -3.73 -24.64
CA ALA C 79 -10.97 -4.40 -25.26
C ALA C 79 -11.27 -5.87 -25.62
N ALA C 80 -12.07 -6.53 -24.77
CA ALA C 80 -12.52 -7.90 -25.00
C ALA C 80 -13.40 -8.04 -26.26
N LYS C 81 -14.06 -6.96 -26.65
CA LYS C 81 -15.06 -6.98 -27.72
C LYS C 81 -14.67 -6.20 -29.00
N THR C 82 -13.46 -5.63 -29.07
CA THR C 82 -12.96 -5.01 -30.33
C THR C 82 -11.49 -5.34 -30.47
N THR C 83 -10.97 -5.46 -31.70
CA THR C 83 -9.52 -5.59 -31.86
C THR C 83 -8.84 -4.23 -32.00
N LEU C 84 -9.61 -3.14 -31.99
CA LEU C 84 -9.01 -1.82 -31.93
C LEU C 84 -8.24 -1.58 -30.65
N PRO C 85 -7.18 -0.78 -30.73
CA PRO C 85 -6.44 -0.39 -29.52
C PRO C 85 -7.36 0.40 -28.57
N VAL C 86 -7.36 -0.05 -27.32
CA VAL C 86 -8.08 0.57 -26.23
C VAL C 86 -7.08 1.15 -25.21
N LEU C 87 -7.23 2.44 -24.98
CA LEU C 87 -6.44 3.19 -24.04
C LEU C 87 -7.31 3.40 -22.79
N GLY C 88 -6.76 3.00 -21.64
CA GLY C 88 -7.41 3.11 -20.37
C GLY C 88 -6.92 4.29 -19.51
N VAL C 89 -7.85 5.11 -19.07
CA VAL C 89 -7.55 6.23 -18.18
C VAL C 89 -8.17 5.95 -16.78
N PRO C 90 -7.34 5.74 -15.77
CA PRO C 90 -7.87 5.54 -14.44
C PRO C 90 -8.32 6.87 -13.79
N VAL C 91 -9.58 6.94 -13.44
CA VAL C 91 -10.12 8.17 -12.89
C VAL C 91 -9.85 8.16 -11.40
N LYS C 92 -9.57 9.33 -10.83
CA LYS C 92 -9.16 9.44 -9.44
C LYS C 92 -10.40 9.22 -8.63
N SER C 93 -10.39 8.10 -7.93
CA SER C 93 -11.48 7.71 -7.05
C SER C 93 -11.43 8.46 -5.72
N SER C 94 -12.59 8.68 -5.10
CA SER C 94 -12.62 9.55 -3.93
C SER C 94 -12.04 8.86 -2.70
N THR C 95 -12.21 7.55 -2.62
CA THR C 95 -11.70 6.84 -1.45
C THR C 95 -10.22 6.57 -1.53
N LEU C 96 -9.77 5.97 -2.63
CA LEU C 96 -8.42 5.41 -2.73
C LEU C 96 -7.53 6.13 -3.75
N ASN C 97 -7.95 7.34 -4.13
CA ASN C 97 -7.14 8.21 -5.01
C ASN C 97 -6.70 7.56 -6.32
N GLY C 98 -7.53 6.66 -6.87
CA GLY C 98 -7.30 6.06 -8.18
C GLY C 98 -6.44 4.78 -8.10
N GLN C 99 -6.07 4.35 -6.91
CA GLN C 99 -5.27 3.08 -6.80
C GLN C 99 -6.07 1.88 -7.28
N ASP C 100 -7.33 1.82 -6.86
CA ASP C 100 -8.28 0.79 -7.31
C ASP C 100 -8.48 0.90 -8.84
N SER C 101 -8.69 2.12 -9.32
CA SER C 101 -8.88 2.40 -10.76
C SER C 101 -7.69 1.89 -11.57
N LEU C 102 -6.50 2.20 -11.09
CA LEU C 102 -5.28 1.86 -11.78
C LEU C 102 -5.10 0.34 -11.87
N LEU C 103 -5.26 -0.34 -10.74
CA LEU C 103 -4.99 -1.78 -10.73
C LEU C 103 -6.04 -2.56 -11.53
N SER C 104 -7.26 -2.04 -11.52
CA SER C 104 -8.40 -2.65 -12.20
C SER C 104 -8.25 -2.56 -13.71
N ILE C 105 -7.51 -1.55 -14.17
CA ILE C 105 -7.28 -1.32 -15.60
C ILE C 105 -6.00 -2.00 -16.06
N VAL C 106 -4.90 -1.77 -15.33
CA VAL C 106 -3.61 -2.15 -15.86
C VAL C 106 -3.34 -3.64 -15.79
N GLN C 107 -3.83 -4.32 -14.74
CA GLN C 107 -3.37 -5.69 -14.45
C GLN C 107 -4.16 -6.76 -15.26
N PRO C 109 -4.64 -9.81 -17.46
CA PRO C 109 -3.92 -11.02 -17.82
C PRO C 109 -3.65 -11.01 -19.32
N ALA C 110 -2.70 -11.87 -19.70
CA ALA C 110 -2.30 -12.02 -21.11
C ALA C 110 -3.47 -12.36 -21.99
N GLY C 111 -3.62 -11.63 -23.10
CA GLY C 111 -4.55 -12.03 -24.15
C GLY C 111 -5.41 -10.90 -24.63
N ILE C 112 -5.69 -9.95 -23.73
CA ILE C 112 -6.55 -8.84 -24.05
C ILE C 112 -5.89 -7.64 -23.43
N PRO C 113 -5.20 -6.83 -24.22
CA PRO C 113 -4.44 -5.75 -23.60
C PRO C 113 -5.23 -4.49 -23.47
N VAL C 114 -4.91 -3.73 -22.44
CA VAL C 114 -5.39 -2.33 -22.32
C VAL C 114 -4.13 -1.49 -22.04
N ALA C 115 -3.87 -0.53 -22.91
CA ALA C 115 -2.80 0.48 -22.72
C ALA C 115 -3.22 1.46 -21.64
N THR C 116 -2.47 1.50 -20.52
CA THR C 116 -2.89 2.27 -19.36
C THR C 116 -1.99 3.47 -19.12
N PHE C 117 -2.62 4.58 -18.75
CA PHE C 117 -1.96 5.84 -18.49
C PHE C 117 -2.15 6.30 -17.03
N ALA C 118 -1.58 7.44 -16.67
CA ALA C 118 -1.55 7.88 -15.30
C ALA C 118 -2.96 8.09 -14.78
N ILE C 119 -3.04 7.99 -13.46
CA ILE C 119 -4.25 8.32 -12.77
C ILE C 119 -4.62 9.79 -13.02
N GLY C 120 -5.88 10.02 -13.35
CA GLY C 120 -6.43 11.36 -13.45
C GLY C 120 -6.13 12.15 -14.72
N ALA C 122 -3.65 13.77 -15.95
CA ALA C 122 -2.43 13.54 -16.67
C ALA C 122 -2.60 12.37 -17.64
N GLY C 123 -3.26 11.34 -17.17
CA GLY C 123 -3.58 10.17 -17.99
C GLY C 123 -4.58 10.47 -19.10
N ALA C 124 -5.60 11.30 -18.83
CA ALA C 124 -6.54 11.71 -19.86
C ALA C 124 -5.79 12.42 -21.00
N LYS C 125 -4.93 13.37 -20.63
CA LYS C 125 -4.16 14.10 -21.64
C LYS C 125 -3.20 13.20 -22.43
N ASN C 126 -2.49 12.36 -21.71
CA ASN C 126 -1.59 11.41 -22.33
C ASN C 126 -2.26 10.39 -23.21
N ALA C 127 -3.44 9.92 -22.85
CA ALA C 127 -4.19 9.00 -23.73
C ALA C 127 -4.48 9.68 -25.08
N ALA C 128 -4.87 10.94 -25.06
CA ALA C 128 -5.13 11.70 -26.28
C ALA C 128 -3.88 11.84 -27.13
N LEU C 129 -2.76 12.17 -26.50
CA LEU C 129 -1.50 12.26 -27.19
C LEU C 129 -1.04 10.90 -27.75
N PHE C 130 -1.32 9.84 -27.01
CA PHE C 130 -0.94 8.53 -27.44
C PHE C 130 -1.78 8.05 -28.64
N ALA C 131 -3.07 8.36 -28.61
CA ALA C 131 -3.96 8.14 -29.76
C ALA C 131 -3.44 8.86 -31.00
N ALA C 132 -3.01 10.11 -30.82
CA ALA C 132 -2.34 10.85 -31.90
C ALA C 132 -1.11 10.10 -32.44
N SER C 133 -0.31 9.48 -31.56
CA SER C 133 0.89 8.76 -31.97
C SER C 133 0.59 7.46 -32.74
N ILE C 134 -0.61 6.92 -32.56
CA ILE C 134 -1.12 5.80 -33.37
C ILE C 134 -1.60 6.33 -34.73
N LEU C 135 -2.38 7.41 -34.72
CA LEU C 135 -3.04 7.93 -35.96
C LEU C 135 -2.07 8.64 -36.92
N GLN C 136 -0.93 9.11 -36.42
CA GLN C 136 0.01 9.84 -37.27
C GLN C 136 0.61 8.94 -38.36
N HIS C 137 0.58 7.63 -38.17
CA HIS C 137 1.24 6.76 -39.13
C HIS C 137 0.61 6.88 -40.52
N THR C 138 -0.72 6.92 -40.58
CA THR C 138 -1.44 7.10 -41.86
C THR C 138 -2.10 8.47 -42.04
N ASP C 139 -1.73 9.46 -41.23
CA ASP C 139 -2.33 10.80 -41.33
C ASP C 139 -1.26 11.87 -41.12
N ILE C 140 -0.74 12.42 -42.21
CA ILE C 140 0.36 13.39 -42.13
C ILE C 140 -0.02 14.67 -41.37
N ASN C 141 -1.29 15.06 -41.43
CA ASN C 141 -1.72 16.26 -40.70
C ASN C 141 -1.67 16.02 -39.20
N ILE C 142 -2.00 14.80 -38.77
CA ILE C 142 -1.89 14.44 -37.33
C ILE C 142 -0.42 14.31 -36.91
N ALA C 143 0.41 13.72 -37.77
CA ALA C 143 1.85 13.66 -37.51
C ALA C 143 2.43 15.05 -37.27
N LYS C 144 2.00 16.04 -38.06
CA LYS C 144 2.53 17.42 -37.94
C LYS C 144 2.00 18.15 -36.68
N ALA C 145 0.72 17.96 -36.38
CA ALA C 145 0.08 18.52 -35.19
C ALA C 145 0.75 17.99 -33.90
N LEU C 146 1.06 16.69 -33.89
CA LEU C 146 1.70 16.09 -32.71
C LEU C 146 3.13 16.57 -32.56
N ALA C 147 3.88 16.55 -33.67
CA ALA C 147 5.24 17.07 -33.67
C ALA C 147 5.30 18.52 -33.13
N GLU C 148 4.33 19.35 -33.50
CA GLU C 148 4.30 20.75 -33.03
C GLU C 148 3.86 20.90 -31.58
N PHE C 149 2.94 20.05 -31.14
CA PHE C 149 2.54 20.05 -29.75
C PHE C 149 3.80 19.76 -28.87
N ARG C 150 4.54 18.73 -29.23
CA ARG C 150 5.76 18.42 -28.49
C ARG C 150 6.78 19.59 -28.60
N ALA C 151 7.00 20.13 -29.81
CA ALA C 151 7.93 21.29 -29.93
C ALA C 151 7.46 22.48 -29.05
N GLU C 152 6.14 22.72 -28.99
CA GLU C 152 5.58 23.80 -28.15
C GLU C 152 5.89 23.59 -26.69
N GLN C 153 5.75 22.35 -26.19
CA GLN C 153 5.92 22.12 -24.75
C GLN C 153 7.40 22.20 -24.35
N THR C 154 8.27 21.75 -25.25
CA THR C 154 9.70 21.86 -25.10
C THR C 154 10.13 23.33 -25.10
N ARG C 155 9.68 24.08 -26.09
CA ARG C 155 10.03 25.49 -26.16
C ARG C 155 9.56 26.27 -24.92
N PHE C 156 8.36 25.96 -24.42
CA PHE C 156 7.86 26.67 -23.27
C PHE C 156 8.78 26.54 -22.06
N VAL C 157 9.29 25.33 -21.80
CA VAL C 157 10.17 25.13 -20.64
C VAL C 157 11.51 25.82 -20.90
N LEU C 158 12.04 25.66 -22.12
CA LEU C 158 13.29 26.29 -22.48
C LEU C 158 13.18 27.82 -22.36
N GLU C 159 12.05 28.41 -22.72
CA GLU C 159 11.88 29.87 -22.63
C GLU C 159 11.55 30.38 -21.24
N ASN C 160 11.23 29.47 -20.31
CA ASN C 160 10.85 29.85 -18.94
C ASN C 160 11.67 29.08 -17.90
N PRO C 161 13.01 29.26 -17.93
CA PRO C 161 13.86 28.50 -17.05
C PRO C 161 13.75 28.91 -15.58
N ASP C 162 13.27 30.13 -15.33
CA ASP C 162 13.27 30.71 -13.96
C ASP C 162 11.97 30.44 -13.24
N PRO C 163 12.02 29.64 -12.15
CA PRO C 163 10.77 29.27 -11.47
C PRO C 163 10.07 30.40 -10.70
N ARG C 164 10.74 31.53 -10.53
CA ARG C 164 10.12 32.76 -10.01
C ARG C 164 9.38 33.47 -11.17
N GLU C 165 8.33 34.24 -10.90
CA GLU C 165 7.38 34.56 -11.99
C GLU C 165 6.44 35.74 -11.70
N SER D 5 10.01 -7.82 -42.24
CA SER D 5 10.53 -6.44 -42.07
C SER D 5 10.45 -6.04 -40.59
N VAL D 6 11.42 -5.27 -40.11
CA VAL D 6 11.53 -4.97 -38.67
C VAL D 6 10.69 -3.73 -38.27
N GLN D 7 9.56 -3.99 -37.61
CA GLN D 7 8.63 -2.93 -37.27
C GLN D 7 8.58 -2.62 -35.78
N VAL D 8 9.07 -3.54 -34.96
CA VAL D 8 9.03 -3.36 -33.48
C VAL D 8 10.44 -3.47 -32.90
N GLY D 9 10.82 -2.49 -32.07
CA GLY D 9 12.05 -2.52 -31.31
C GLY D 9 11.68 -2.92 -29.90
N VAL D 10 12.25 -4.04 -29.43
CA VAL D 10 12.07 -4.54 -28.07
C VAL D 10 13.35 -4.30 -27.32
N ILE D 11 13.27 -3.43 -26.32
CA ILE D 11 14.42 -3.06 -25.55
C ILE D 11 14.16 -3.27 -24.05
N GLY D 13 16.22 -2.76 -19.95
CA GLY D 13 17.30 -2.15 -19.21
C GLY D 13 18.45 -3.04 -18.87
N SER D 14 18.23 -4.34 -18.68
CA SER D 14 19.30 -5.24 -18.37
C SER D 14 18.99 -6.65 -18.81
N LYS D 15 20.03 -7.45 -18.95
CA LYS D 15 19.87 -8.83 -19.39
C LYS D 15 19.00 -9.65 -18.46
N SER D 16 18.94 -9.29 -17.18
CA SER D 16 18.05 -9.98 -16.24
C SER D 16 16.54 -9.78 -16.55
N ASP D 17 16.22 -8.82 -17.41
CA ASP D 17 14.84 -8.60 -17.86
C ASP D 17 14.43 -9.57 -18.96
N TRP D 18 15.36 -10.38 -19.48
CA TRP D 18 15.06 -11.20 -20.66
C TRP D 18 14.01 -12.29 -20.39
N SER D 19 14.03 -12.89 -19.20
CA SER D 19 13.06 -13.92 -18.87
C SER D 19 11.63 -13.42 -18.96
N THR D 20 11.45 -12.10 -18.85
CA THR D 20 10.15 -11.46 -19.00
C THR D 20 9.97 -11.02 -20.44
N LYS D 22 11.34 -11.98 -23.17
CA LYS D 22 11.34 -13.08 -24.16
C LYS D 22 9.90 -13.50 -24.51
N GLU D 23 8.98 -13.28 -23.57
CA GLU D 23 7.59 -13.67 -23.74
C GLU D 23 6.88 -12.72 -24.68
N CYS D 24 7.31 -11.46 -24.67
CA CYS D 24 6.92 -10.48 -25.68
C CYS D 24 7.38 -10.92 -27.06
N CYS D 25 8.64 -11.31 -27.17
CA CYS D 25 9.21 -11.66 -28.45
C CYS D 25 8.56 -12.92 -29.04
N ASP D 26 8.26 -13.88 -28.19
CA ASP D 26 7.55 -15.11 -28.58
C ASP D 26 6.22 -14.79 -29.25
N ILE D 27 5.46 -13.86 -28.70
CA ILE D 27 4.16 -13.51 -29.29
C ILE D 27 4.41 -12.82 -30.65
N LEU D 28 5.35 -11.89 -30.69
CA LEU D 28 5.66 -11.23 -31.96
C LEU D 28 6.03 -12.29 -33.01
N ASP D 29 6.85 -13.25 -32.62
CA ASP D 29 7.21 -14.36 -33.53
C ASP D 29 5.96 -15.09 -33.98
N ASN D 30 5.07 -15.40 -33.03
CA ASN D 30 3.87 -16.20 -33.39
C ASN D 30 2.97 -15.42 -34.33
N LEU D 31 2.93 -14.10 -34.22
CA LEU D 31 2.09 -13.28 -35.05
C LEU D 31 2.73 -12.84 -36.36
N GLY D 32 3.96 -13.27 -36.59
CA GLY D 32 4.70 -12.94 -37.82
C GLY D 32 5.18 -11.50 -37.92
N ILE D 33 5.48 -10.90 -36.77
CA ILE D 33 5.86 -9.50 -36.70
C ILE D 33 7.39 -9.44 -36.56
N GLY D 34 8.02 -8.69 -37.46
CA GLY D 34 9.46 -8.48 -37.44
C GLY D 34 9.84 -7.57 -36.30
N TYR D 35 10.88 -7.97 -35.57
CA TYR D 35 11.35 -7.15 -34.47
C TYR D 35 12.85 -7.27 -34.31
N GLU D 36 13.41 -6.37 -33.53
CA GLU D 36 14.77 -6.48 -33.05
C GLU D 36 14.70 -6.40 -31.54
N CYS D 37 15.68 -7.02 -30.87
CA CYS D 37 15.74 -7.00 -29.42
C CYS D 37 17.13 -6.59 -28.96
N GLU D 38 17.18 -5.72 -27.94
CA GLU D 38 18.47 -5.17 -27.49
C GLU D 38 18.40 -4.75 -26.04
N VAL D 39 19.51 -4.92 -25.34
CA VAL D 39 19.68 -4.40 -23.99
C VAL D 39 20.19 -2.98 -24.15
N VAL D 40 19.46 -2.04 -23.57
CA VAL D 40 19.68 -0.59 -23.65
C VAL D 40 19.38 -0.07 -22.25
N SER D 41 20.40 0.35 -21.50
CA SER D 41 20.20 0.81 -20.13
C SER D 41 20.02 2.31 -20.06
N ALA D 42 18.93 2.78 -19.46
CA ALA D 42 18.75 4.22 -19.32
C ALA D 42 19.81 4.82 -18.40
N HIS D 43 20.28 4.09 -17.40
CA HIS D 43 21.22 4.63 -16.45
C HIS D 43 22.69 4.34 -16.76
N ARG D 44 22.99 3.14 -17.27
CA ARG D 44 24.36 2.79 -17.60
C ARG D 44 24.74 3.13 -19.05
N THR D 45 23.75 3.24 -19.96
CA THR D 45 24.04 3.63 -21.37
C THR D 45 23.12 4.72 -21.87
N PRO D 46 23.13 5.88 -21.19
CA PRO D 46 22.16 6.94 -21.48
C PRO D 46 22.31 7.49 -22.90
N ASP D 47 23.55 7.61 -23.40
CA ASP D 47 23.78 8.17 -24.74
C ASP D 47 23.25 7.23 -25.83
N LYS D 48 23.46 5.94 -25.64
CA LYS D 48 22.96 4.91 -26.54
C LYS D 48 21.45 4.86 -26.55
N PHE D 50 19.43 7.43 -25.90
CA PHE D 50 19.01 8.58 -26.66
C PHE D 50 19.17 8.33 -28.16
N ASP D 51 20.27 7.72 -28.56
CA ASP D 51 20.54 7.45 -29.97
C ASP D 51 19.52 6.45 -30.55
N TYR D 52 19.26 5.38 -29.81
CA TYR D 52 18.26 4.39 -30.20
C TYR D 52 16.91 5.07 -30.45
N ALA D 53 16.49 5.89 -29.48
CA ALA D 53 15.17 6.51 -29.53
C ALA D 53 15.09 7.47 -30.73
N GLU D 54 16.08 8.34 -30.84
CA GLU D 54 16.19 9.39 -31.90
C GLU D 54 16.11 8.85 -33.29
N THR D 55 16.77 7.72 -33.51
CA THR D 55 16.86 7.14 -34.83
C THR D 55 15.83 6.05 -35.13
N ALA D 56 14.95 5.72 -34.17
CA ALA D 56 14.06 4.59 -34.36
C ALA D 56 13.14 4.74 -35.58
N LYS D 57 12.53 5.89 -35.75
CA LYS D 57 11.60 6.11 -36.86
C LYS D 57 12.31 6.07 -38.21
N GLU D 58 13.48 6.68 -38.28
CA GLU D 58 14.19 6.70 -39.56
C GLU D 58 14.80 5.32 -39.87
N ARG D 59 14.96 4.46 -38.86
CA ARG D 59 15.32 3.06 -39.10
C ARG D 59 14.14 2.16 -39.45
N GLY D 60 12.93 2.72 -39.50
CA GLY D 60 11.77 1.96 -39.98
C GLY D 60 10.95 1.33 -38.88
N LEU D 61 11.31 1.60 -37.62
CA LEU D 61 10.52 1.09 -36.51
C LEU D 61 9.22 1.87 -36.44
N LYS D 62 8.16 1.19 -36.01
CA LYS D 62 6.85 1.79 -35.87
C LYS D 62 6.38 1.82 -34.41
N VAL D 63 6.88 0.89 -33.60
CA VAL D 63 6.53 0.79 -32.19
C VAL D 63 7.77 0.41 -31.39
N ILE D 64 7.91 0.96 -30.19
CA ILE D 64 8.99 0.52 -29.27
C ILE D 64 8.32 -0.09 -28.01
N ILE D 65 8.75 -1.27 -27.62
CA ILE D 65 8.31 -1.90 -26.38
C ILE D 65 9.53 -1.91 -25.48
N ALA D 66 9.40 -1.23 -24.32
CA ALA D 66 10.48 -1.11 -23.39
C ALA D 66 10.12 -1.70 -22.03
N GLY D 67 10.97 -2.56 -21.53
CA GLY D 67 10.78 -3.13 -20.21
C GLY D 67 11.90 -2.69 -19.26
N ALA D 68 11.53 -2.45 -18.02
CA ALA D 68 12.49 -2.16 -16.99
C ALA D 68 11.89 -2.41 -15.61
N GLY D 69 12.77 -2.66 -14.63
CA GLY D 69 12.40 -2.86 -13.22
C GLY D 69 12.87 -1.75 -12.27
N GLY D 70 12.34 -1.76 -11.03
CA GLY D 70 12.76 -0.81 -10.02
C GLY D 70 12.34 0.59 -10.36
N ALA D 71 13.27 1.53 -10.22
CA ALA D 71 13.07 2.91 -10.70
C ALA D 71 13.23 2.78 -12.22
N ALA D 72 12.11 2.53 -12.87
CA ALA D 72 12.10 2.11 -14.29
C ALA D 72 11.94 3.33 -15.17
N HIS D 73 13.05 3.88 -15.63
CA HIS D 73 13.05 5.11 -16.42
C HIS D 73 13.15 4.89 -17.93
N LEU D 74 13.50 3.69 -18.37
CA LEU D 74 13.73 3.45 -19.81
C LEU D 74 12.55 3.83 -20.73
N PRO D 75 11.32 3.41 -20.38
CA PRO D 75 10.20 3.70 -21.28
C PRO D 75 9.91 5.18 -21.41
N GLY D 76 9.92 5.88 -20.29
CA GLY D 76 9.60 7.31 -20.30
C GLY D 76 10.64 8.08 -21.03
N VAL D 78 12.79 7.01 -23.39
CA VAL D 78 12.68 6.71 -24.81
C VAL D 78 11.51 7.50 -25.42
N ALA D 79 10.38 7.53 -24.73
CA ALA D 79 9.19 8.23 -25.18
C ALA D 79 9.48 9.74 -25.32
N ALA D 80 10.38 10.26 -24.47
CA ALA D 80 10.74 11.67 -24.54
C ALA D 80 11.55 12.01 -25.81
N LYS D 81 12.15 11.00 -26.43
CA LYS D 81 13.10 11.18 -27.53
C LYS D 81 12.66 10.59 -28.88
N THR D 82 11.45 10.03 -28.96
CA THR D 82 10.86 9.58 -30.23
C THR D 82 9.40 10.00 -30.31
N THR D 83 8.88 10.24 -31.52
CA THR D 83 7.44 10.44 -31.71
C THR D 83 6.69 9.11 -31.85
N LEU D 84 7.40 8.00 -31.96
CA LEU D 84 6.74 6.72 -32.05
C LEU D 84 6.02 6.34 -30.74
N PRO D 85 4.96 5.53 -30.85
CA PRO D 85 4.34 4.97 -29.62
C PRO D 85 5.30 4.08 -28.87
N VAL D 86 5.39 4.31 -27.55
CA VAL D 86 6.18 3.50 -26.67
C VAL D 86 5.28 2.77 -25.69
N LEU D 87 5.52 1.46 -25.59
CA LEU D 87 4.80 0.56 -24.72
C LEU D 87 5.75 0.21 -23.58
N GLY D 88 5.27 0.32 -22.35
CA GLY D 88 6.06 0.10 -21.16
C GLY D 88 5.63 -1.19 -20.47
N VAL D 89 6.63 -2.02 -20.16
CA VAL D 89 6.43 -3.29 -19.43
C VAL D 89 7.14 -3.22 -18.08
N PRO D 90 6.39 -3.19 -16.97
CA PRO D 90 7.04 -3.15 -15.67
C PRO D 90 7.53 -4.53 -15.30
N VAL D 91 8.80 -4.68 -15.13
CA VAL D 91 9.40 -5.95 -14.78
C VAL D 91 9.30 -6.13 -13.26
N LYS D 92 8.92 -7.35 -12.88
CA LYS D 92 8.68 -7.78 -11.51
C LYS D 92 10.01 -7.79 -10.81
N SER D 93 10.12 -6.81 -9.92
CA SER D 93 11.27 -6.61 -9.07
C SER D 93 11.23 -7.55 -7.87
N SER D 94 12.43 -7.93 -7.43
CA SER D 94 12.60 -8.85 -6.30
C SER D 94 12.01 -8.26 -5.00
N THR D 95 12.25 -6.98 -4.72
CA THR D 95 11.85 -6.44 -3.44
C THR D 95 10.37 -6.12 -3.41
N LEU D 96 9.93 -5.30 -4.37
CA LEU D 96 8.62 -4.69 -4.28
C LEU D 96 7.62 -5.26 -5.32
N ASN D 97 7.96 -6.42 -5.90
CA ASN D 97 7.05 -7.16 -6.81
C ASN D 97 6.52 -6.26 -7.96
N GLY D 98 7.36 -5.35 -8.43
CA GLY D 98 7.07 -4.53 -9.60
C GLY D 98 6.18 -3.36 -9.30
N GLN D 99 5.86 -3.11 -8.03
CA GLN D 99 5.06 -1.93 -7.67
C GLN D 99 5.82 -0.62 -7.98
N ASP D 100 7.13 -0.62 -7.69
CA ASP D 100 8.00 0.47 -8.06
C ASP D 100 8.09 0.62 -9.59
N SER D 101 8.31 -0.50 -10.30
CA SER D 101 8.38 -0.50 -11.76
C SER D 101 7.11 0.11 -12.36
N LEU D 102 5.96 -0.30 -11.82
CA LEU D 102 4.69 0.10 -12.38
C LEU D 102 4.50 1.61 -12.23
N LEU D 103 4.78 2.14 -11.04
CA LEU D 103 4.51 3.57 -10.79
C LEU D 103 5.47 4.44 -11.57
N SER D 104 6.71 3.96 -11.71
CA SER D 104 7.74 4.65 -12.47
C SER D 104 7.46 4.77 -13.93
N ILE D 105 6.62 3.86 -14.46
CA ILE D 105 6.31 3.81 -15.88
C ILE D 105 4.97 4.50 -16.08
N VAL D 106 3.94 4.12 -15.31
CA VAL D 106 2.59 4.58 -15.66
C VAL D 106 2.33 6.03 -15.30
N GLN D 107 3.00 6.52 -14.23
CA GLN D 107 2.66 7.87 -13.71
C GLN D 107 3.31 9.04 -14.41
N PRO D 109 3.76 12.35 -16.19
CA PRO D 109 2.95 13.57 -16.31
C PRO D 109 2.48 13.86 -17.75
N ALA D 110 1.53 14.77 -17.89
CA ALA D 110 0.97 15.15 -19.21
C ALA D 110 2.04 15.62 -20.15
N GLY D 111 2.07 15.04 -21.35
CA GLY D 111 2.87 15.59 -22.43
C GLY D 111 3.68 14.53 -23.15
N ILE D 112 4.10 13.49 -22.42
CA ILE D 112 4.95 12.43 -22.94
C ILE D 112 4.33 11.12 -22.45
N PRO D 113 3.53 10.45 -23.31
CA PRO D 113 2.82 9.29 -22.81
C PRO D 113 3.64 8.00 -22.91
N VAL D 114 3.40 7.09 -21.99
CA VAL D 114 3.85 5.68 -22.14
C VAL D 114 2.65 4.80 -21.88
N ALA D 115 2.29 3.98 -22.86
CA ALA D 115 1.25 2.99 -22.68
C ALA D 115 1.78 1.88 -21.81
N THR D 116 1.18 1.69 -20.64
CA THR D 116 1.66 0.73 -19.65
C THR D 116 0.76 -0.50 -19.55
N PHE D 117 1.41 -1.64 -19.38
CA PHE D 117 0.74 -2.93 -19.28
C PHE D 117 1.04 -3.57 -17.96
N ALA D 118 0.48 -4.78 -17.71
CA ALA D 118 0.53 -5.38 -16.41
C ALA D 118 1.96 -5.67 -15.99
N ILE D 119 2.17 -5.77 -14.70
CA ILE D 119 3.47 -6.11 -14.18
C ILE D 119 3.83 -7.52 -14.64
N GLY D 120 5.08 -7.69 -15.08
CA GLY D 120 5.63 -9.01 -15.44
C GLY D 120 5.23 -9.57 -16.80
N ALA D 122 2.64 -11.14 -17.98
CA ALA D 122 1.32 -10.80 -18.56
C ALA D 122 1.45 -9.53 -19.38
N GLY D 123 2.18 -8.57 -18.84
CA GLY D 123 2.36 -7.27 -19.49
C GLY D 123 3.24 -7.35 -20.72
N ALA D 124 4.29 -8.15 -20.65
CA ALA D 124 5.14 -8.39 -21.84
C ALA D 124 4.36 -8.98 -23.03
N LYS D 125 3.57 -10.02 -22.77
CA LYS D 125 2.69 -10.63 -23.76
C LYS D 125 1.68 -9.60 -24.29
N ASN D 126 1.07 -8.86 -23.38
CA ASN D 126 0.09 -7.87 -23.77
C ASN D 126 0.65 -6.70 -24.56
N ALA D 127 1.89 -6.30 -24.26
CA ALA D 127 2.57 -5.30 -25.07
C ALA D 127 2.74 -5.76 -26.52
N ALA D 128 3.13 -7.01 -26.72
CA ALA D 128 3.25 -7.58 -28.03
C ALA D 128 1.90 -7.53 -28.78
N LEU D 129 0.84 -7.95 -28.09
CA LEU D 129 -0.51 -7.98 -28.66
C LEU D 129 -1.04 -6.60 -28.97
N PHE D 130 -0.66 -5.60 -28.17
CA PHE D 130 -1.09 -4.23 -28.40
C PHE D 130 -0.32 -3.62 -29.58
N ALA D 131 0.95 -3.98 -29.68
CA ALA D 131 1.74 -3.58 -30.84
C ALA D 131 1.06 -4.09 -32.11
N ALA D 132 0.63 -5.35 -32.09
CA ALA D 132 -0.10 -5.97 -33.22
C ALA D 132 -1.36 -5.16 -33.52
N SER D 133 -2.08 -4.70 -32.51
CA SER D 133 -3.30 -3.92 -32.76
C SER D 133 -3.02 -2.52 -33.36
N ILE D 134 -1.82 -1.99 -33.14
CA ILE D 134 -1.36 -0.76 -33.80
C ILE D 134 -1.03 -1.05 -35.28
N LEU D 135 -0.28 -2.12 -35.51
CA LEU D 135 0.25 -2.45 -36.82
C LEU D 135 -0.78 -3.03 -37.76
N GLN D 136 -1.84 -3.59 -37.21
CA GLN D 136 -2.83 -4.29 -38.06
C GLN D 136 -3.46 -3.32 -39.08
N HIS D 137 -3.45 -2.02 -38.79
CA HIS D 137 -4.13 -1.07 -39.65
C HIS D 137 -3.47 -0.97 -41.03
N THR D 138 -2.15 -1.16 -41.09
CA THR D 138 -1.39 -1.06 -42.33
C THR D 138 -0.70 -2.38 -42.73
N ASP D 139 -1.02 -3.48 -42.07
CA ASP D 139 -0.43 -4.75 -42.39
C ASP D 139 -1.53 -5.81 -42.35
N ILE D 140 -2.00 -6.22 -43.52
CA ILE D 140 -3.03 -7.23 -43.66
C ILE D 140 -2.67 -8.55 -42.98
N ASN D 141 -1.44 -9.02 -43.15
CA ASN D 141 -1.06 -10.29 -42.51
C ASN D 141 -1.07 -10.25 -40.97
N ILE D 142 -0.67 -9.11 -40.41
CA ILE D 142 -0.76 -8.93 -38.95
C ILE D 142 -2.23 -8.89 -38.49
N ALA D 143 -3.09 -8.21 -39.23
CA ALA D 143 -4.53 -8.21 -38.91
C ALA D 143 -5.07 -9.65 -38.87
N LYS D 144 -4.67 -10.45 -39.84
CA LYS D 144 -5.16 -11.82 -39.92
C LYS D 144 -4.66 -12.61 -38.72
N ALA D 145 -3.37 -12.45 -38.41
CA ALA D 145 -2.73 -13.20 -37.32
C ALA D 145 -3.32 -12.84 -35.95
N LEU D 146 -3.61 -11.54 -35.74
CA LEU D 146 -4.19 -11.10 -34.46
C LEU D 146 -5.64 -11.60 -34.35
N ALA D 147 -6.40 -11.55 -35.44
CA ALA D 147 -7.74 -12.12 -35.46
C ALA D 147 -7.70 -13.60 -35.13
N GLU D 148 -6.75 -14.33 -35.70
CA GLU D 148 -6.66 -15.75 -35.42
C GLU D 148 -6.29 -16.05 -33.96
N PHE D 149 -5.42 -15.22 -33.40
CA PHE D 149 -4.96 -15.38 -32.01
C PHE D 149 -6.16 -15.20 -31.09
N ARG D 150 -6.95 -14.16 -31.31
CA ARG D 150 -8.12 -13.93 -30.50
C ARG D 150 -9.18 -15.02 -30.62
N ALA D 151 -9.45 -15.48 -31.84
CA ALA D 151 -10.40 -16.58 -32.06
C ALA D 151 -9.92 -17.84 -31.37
N GLU D 152 -8.62 -18.12 -31.42
CA GLU D 152 -8.07 -19.37 -30.83
C GLU D 152 -8.19 -19.31 -29.33
N GLN D 153 -7.90 -18.15 -28.73
CA GLN D 153 -7.92 -18.09 -27.26
C GLN D 153 -9.34 -18.22 -26.73
N THR D 154 -10.31 -17.66 -27.48
CA THR D 154 -11.73 -17.81 -27.22
C THR D 154 -12.14 -19.30 -27.35
N ARG D 155 -11.74 -19.93 -28.44
CA ARG D 155 -12.05 -21.34 -28.69
C ARG D 155 -11.54 -22.24 -27.59
N PHE D 156 -10.31 -21.98 -27.14
CA PHE D 156 -9.69 -22.84 -26.13
C PHE D 156 -10.53 -22.89 -24.86
N VAL D 157 -11.06 -21.73 -24.44
CA VAL D 157 -11.92 -21.68 -23.25
C VAL D 157 -13.27 -22.37 -23.52
N LEU D 158 -13.82 -22.14 -24.71
CA LEU D 158 -15.10 -22.76 -25.09
C LEU D 158 -15.01 -24.30 -25.16
N GLU D 159 -13.85 -24.80 -25.55
CA GLU D 159 -13.66 -26.22 -25.74
C GLU D 159 -13.29 -26.91 -24.42
N ASN D 160 -12.99 -26.11 -23.40
CA ASN D 160 -12.60 -26.63 -22.10
C ASN D 160 -13.43 -25.98 -20.96
N PRO D 161 -14.75 -26.11 -21.00
CA PRO D 161 -15.60 -25.45 -20.02
C PRO D 161 -15.56 -26.03 -18.62
N ASP D 162 -15.23 -27.31 -18.50
CA ASP D 162 -15.37 -28.00 -17.21
C ASP D 162 -14.02 -27.96 -16.47
N PRO D 163 -13.93 -27.20 -15.36
CA PRO D 163 -12.63 -27.13 -14.72
C PRO D 163 -12.21 -28.45 -14.07
N ARG D 164 -13.12 -29.42 -13.98
CA ARG D 164 -12.80 -30.75 -13.43
C ARG D 164 -12.14 -31.65 -14.47
N GLU D 165 -12.04 -31.18 -15.71
CA GLU D 165 -11.37 -31.94 -16.77
C GLU D 165 -10.00 -32.39 -16.30
N HIS D 166 -9.64 -33.61 -16.65
CA HIS D 166 -8.37 -34.21 -16.20
C HIS D 166 -7.84 -35.22 -17.24
N SER E 5 43.90 4.41 4.36
CA SER E 5 43.35 5.28 5.43
C SER E 5 41.82 5.12 5.47
N VAL E 6 41.27 5.02 6.68
CA VAL E 6 39.86 4.74 6.90
C VAL E 6 38.98 6.00 6.85
N GLN E 7 38.19 6.10 5.78
CA GLN E 7 37.40 7.30 5.48
C GLN E 7 35.89 7.05 5.51
N VAL E 8 35.50 5.80 5.39
CA VAL E 8 34.09 5.43 5.43
C VAL E 8 33.85 4.40 6.54
N GLY E 9 32.86 4.68 7.38
CA GLY E 9 32.44 3.77 8.42
C GLY E 9 31.19 3.06 7.92
N VAL E 10 31.22 1.75 7.83
CA VAL E 10 30.08 0.98 7.39
C VAL E 10 29.53 0.25 8.58
N ILE E 11 28.30 0.61 8.99
CA ILE E 11 27.73 0.05 10.22
C ILE E 11 26.35 -0.53 9.92
N GLY E 13 22.83 -2.77 12.00
CA GLY E 13 22.18 -3.04 13.27
C GLY E 13 22.39 -4.42 13.81
N SER E 14 22.61 -5.37 12.91
CA SER E 14 22.82 -6.75 13.30
C SER E 14 23.64 -7.53 12.28
N LYS E 15 24.20 -8.65 12.74
CA LYS E 15 25.02 -9.51 11.86
C LYS E 15 24.26 -10.06 10.69
N SER E 16 22.96 -10.23 10.86
CA SER E 16 22.12 -10.70 9.78
C SER E 16 22.08 -9.73 8.60
N ASP E 17 22.43 -8.45 8.83
CA ASP E 17 22.52 -7.47 7.75
C ASP E 17 23.74 -7.62 6.85
N TRP E 18 24.73 -8.40 7.31
CA TRP E 18 25.99 -8.53 6.61
C TRP E 18 25.83 -8.99 5.17
N SER E 19 24.93 -9.92 4.90
CA SER E 19 24.73 -10.36 3.51
C SER E 19 24.41 -9.19 2.54
N THR E 20 23.77 -8.14 3.06
CA THR E 20 23.51 -6.92 2.32
C THR E 20 24.74 -6.00 2.36
N LYS E 22 27.85 -6.38 3.01
CA LYS E 22 29.09 -6.88 2.40
C LYS E 22 29.24 -6.36 0.95
N GLU E 23 28.11 -6.16 0.28
CA GLU E 23 28.14 -5.66 -1.09
C GLU E 23 28.61 -4.21 -1.17
N CYS E 24 28.31 -3.43 -0.12
CA CYS E 24 28.77 -2.05 0.02
C CYS E 24 30.28 -2.09 0.20
N CYS E 25 30.75 -2.92 1.14
CA CYS E 25 32.18 -3.06 1.39
C CYS E 25 32.95 -3.53 0.13
N ASP E 26 32.42 -4.52 -0.60
CA ASP E 26 33.04 -5.00 -1.86
C ASP E 26 33.31 -3.84 -2.85
N ILE E 27 32.36 -2.90 -2.99
CA ILE E 27 32.57 -1.76 -3.88
C ILE E 27 33.68 -0.82 -3.36
N LEU E 28 33.66 -0.52 -2.07
CA LEU E 28 34.69 0.38 -1.50
C LEU E 28 36.08 -0.27 -1.74
N ASP E 29 36.18 -1.59 -1.57
CA ASP E 29 37.46 -2.30 -1.84
C ASP E 29 37.87 -2.13 -3.30
N ASN E 30 36.90 -2.27 -4.20
CA ASN E 30 37.11 -2.20 -5.64
C ASN E 30 37.61 -0.81 -6.00
N LEU E 31 37.09 0.21 -5.33
CA LEU E 31 37.49 1.58 -5.60
C LEU E 31 38.71 2.07 -4.82
N GLY E 32 39.31 1.19 -4.00
CA GLY E 32 40.51 1.54 -3.26
C GLY E 32 40.19 2.54 -2.16
N ILE E 33 38.98 2.44 -1.57
CA ILE E 33 38.58 3.36 -0.50
C ILE E 33 38.71 2.64 0.85
N GLY E 34 39.39 3.28 1.77
CA GLY E 34 39.53 2.77 3.12
C GLY E 34 38.24 2.83 3.92
N TYR E 35 37.97 1.75 4.63
CA TYR E 35 36.77 1.64 5.42
C TYR E 35 36.91 0.66 6.59
N GLU E 36 35.97 0.77 7.51
CA GLU E 36 35.81 -0.17 8.61
C GLU E 36 34.35 -0.58 8.61
N CYS E 37 34.10 -1.80 9.05
CA CYS E 37 32.75 -2.32 9.14
C CYS E 37 32.50 -2.86 10.53
N GLU E 38 31.34 -2.57 11.07
CA GLU E 38 31.05 -2.88 12.44
C GLU E 38 29.56 -3.06 12.70
N VAL E 39 29.22 -4.01 13.53
CA VAL E 39 27.88 -4.10 14.04
C VAL E 39 27.67 -3.11 15.21
N VAL E 40 26.71 -2.23 15.02
CA VAL E 40 26.35 -1.18 15.97
C VAL E 40 24.81 -1.16 16.04
N SER E 41 24.24 -1.64 17.15
CA SER E 41 22.77 -1.72 17.27
C SER E 41 22.21 -0.48 17.94
N ALA E 42 21.31 0.24 17.24
CA ALA E 42 20.65 1.39 17.82
C ALA E 42 19.84 0.99 19.04
N HIS E 43 19.21 -0.16 18.99
CA HIS E 43 18.32 -0.60 20.09
C HIS E 43 18.98 -1.46 21.16
N ARG E 44 19.98 -2.29 20.78
CA ARG E 44 20.66 -3.15 21.73
C ARG E 44 21.97 -2.55 22.28
N THR E 45 22.60 -1.62 21.54
CA THR E 45 23.80 -0.98 22.01
C THR E 45 23.70 0.53 21.81
N PRO E 46 22.68 1.15 22.42
CA PRO E 46 22.48 2.57 22.16
C PRO E 46 23.64 3.42 22.60
N ASP E 47 24.29 3.08 23.71
CA ASP E 47 25.45 3.87 24.13
C ASP E 47 26.65 3.80 23.17
N LYS E 48 26.99 2.59 22.73
CA LYS E 48 28.00 2.46 21.70
C LYS E 48 27.68 3.23 20.43
N PHE E 50 25.84 6.02 20.11
CA PHE E 50 26.11 7.45 20.38
C PHE E 50 27.63 7.75 20.33
N ASP E 51 28.42 6.89 20.96
CA ASP E 51 29.88 7.05 21.00
C ASP E 51 30.48 6.95 19.59
N TYR E 52 30.02 5.95 18.82
CA TYR E 52 30.49 5.77 17.45
C TYR E 52 30.26 7.06 16.61
N ALA E 53 29.03 7.54 16.68
CA ALA E 53 28.68 8.73 15.92
C ALA E 53 29.46 9.99 16.39
N GLU E 54 29.54 10.17 17.71
CA GLU E 54 30.21 11.33 18.33
C GLU E 54 31.71 11.42 17.95
N THR E 55 32.37 10.29 17.88
CA THR E 55 33.81 10.23 17.64
C THR E 55 34.22 10.05 16.16
N ALA E 56 33.25 9.82 15.26
CA ALA E 56 33.55 9.48 13.87
C ALA E 56 34.47 10.48 13.20
N LYS E 57 34.16 11.77 13.34
CA LYS E 57 34.92 12.81 12.67
C LYS E 57 36.36 12.81 13.19
N GLU E 58 36.51 12.74 14.52
CA GLU E 58 37.84 12.79 15.11
C GLU E 58 38.66 11.53 14.82
N ARG E 59 37.99 10.43 14.50
CA ARG E 59 38.70 9.22 14.09
C ARG E 59 39.09 9.22 12.61
N GLY E 60 38.74 10.31 11.92
CA GLY E 60 39.09 10.47 10.52
C GLY E 60 38.04 10.10 9.51
N LEU E 61 36.86 9.66 9.96
CA LEU E 61 35.85 9.26 8.99
C LEU E 61 35.28 10.48 8.31
N LYS E 62 34.90 10.32 7.05
CA LYS E 62 34.30 11.41 6.26
C LYS E 62 32.81 11.16 5.94
N VAL E 63 32.43 9.88 5.90
CA VAL E 63 31.06 9.46 5.55
C VAL E 63 30.70 8.25 6.41
N ILE E 64 29.45 8.18 6.87
CA ILE E 64 28.98 6.96 7.52
C ILE E 64 27.88 6.36 6.66
N ILE E 65 27.99 5.06 6.42
CA ILE E 65 26.95 4.27 5.73
C ILE E 65 26.34 3.31 6.77
N ALA E 66 25.05 3.42 7.00
CA ALA E 66 24.36 2.67 8.03
C ALA E 66 23.17 1.90 7.42
N GLY E 67 23.15 0.60 7.68
CA GLY E 67 22.09 -0.30 7.23
C GLY E 67 21.25 -0.81 8.39
N ALA E 68 19.93 -0.85 8.20
CA ALA E 68 19.05 -1.44 9.21
C ALA E 68 17.74 -1.80 8.55
N GLY E 69 17.00 -2.67 9.21
CA GLY E 69 15.71 -3.14 8.69
C GLY E 69 14.60 -2.98 9.70
N GLY E 70 13.36 -3.15 9.24
CA GLY E 70 12.21 -3.12 10.10
C GLY E 70 11.99 -1.68 10.49
N ALA E 71 11.82 -1.47 11.79
CA ALA E 71 11.83 -0.14 12.41
C ALA E 71 13.28 0.31 12.46
N ALA E 72 13.76 0.91 11.37
CA ALA E 72 15.21 1.07 11.11
C ALA E 72 15.61 2.45 11.59
N HIS E 73 16.16 2.52 12.77
CA HIS E 73 16.44 3.79 13.42
C HIS E 73 17.90 4.17 13.41
N LEU E 74 18.77 3.19 13.14
CA LEU E 74 20.19 3.44 13.18
C LEU E 74 20.68 4.66 12.33
N PRO E 75 20.33 4.72 11.02
CA PRO E 75 20.84 5.85 10.27
C PRO E 75 20.42 7.24 10.85
N GLY E 76 19.16 7.39 11.21
CA GLY E 76 18.67 8.68 11.65
C GLY E 76 19.32 9.09 12.99
N VAL E 78 22.28 8.04 14.19
CA VAL E 78 23.69 8.38 13.95
C VAL E 78 23.77 9.79 13.37
N ALA E 79 22.89 10.07 12.42
CA ALA E 79 22.79 11.42 11.82
C ALA E 79 22.53 12.51 12.82
N ALA E 80 21.77 12.19 13.88
CA ALA E 80 21.48 13.17 14.93
C ALA E 80 22.70 13.52 15.80
N LYS E 81 23.68 12.62 15.82
CA LYS E 81 24.86 12.67 16.69
C LYS E 81 26.24 12.87 16.01
N THR E 82 26.26 13.05 14.68
CA THR E 82 27.47 13.49 13.95
C THR E 82 27.11 14.56 12.93
N THR E 83 28.08 15.41 12.56
CA THR E 83 27.88 16.43 11.51
C THR E 83 28.27 15.89 10.13
N LEU E 84 28.85 14.70 10.10
CA LEU E 84 29.15 14.04 8.85
C LEU E 84 27.90 13.56 8.06
N PRO E 85 28.02 13.47 6.73
CA PRO E 85 26.96 12.89 5.92
C PRO E 85 26.76 11.41 6.28
N VAL E 86 25.50 11.04 6.48
CA VAL E 86 25.11 9.69 6.75
C VAL E 86 24.24 9.19 5.61
N LEU E 87 24.59 8.02 5.11
CA LEU E 87 23.87 7.35 4.03
C LEU E 87 23.17 6.16 4.64
N GLY E 88 21.88 6.02 4.34
CA GLY E 88 21.05 4.98 4.91
C GLY E 88 20.69 3.90 3.89
N VAL E 89 20.87 2.66 4.26
CA VAL E 89 20.55 1.54 3.38
C VAL E 89 19.42 0.78 4.03
N PRO E 90 18.23 0.80 3.41
CA PRO E 90 17.16 -0.03 3.99
C PRO E 90 17.38 -1.50 3.68
N VAL E 91 17.49 -2.29 4.73
CA VAL E 91 17.64 -3.74 4.60
C VAL E 91 16.30 -4.42 4.35
N LYS E 92 16.27 -5.37 3.42
CA LYS E 92 15.04 -6.04 3.06
C LYS E 92 14.59 -6.86 4.24
N SER E 93 13.42 -6.52 4.76
CA SER E 93 12.86 -7.20 5.92
C SER E 93 12.05 -8.39 5.41
N SER E 94 11.97 -9.43 6.23
CA SER E 94 11.33 -10.65 5.78
C SER E 94 9.82 -10.44 5.69
N THR E 95 9.22 -9.62 6.57
CA THR E 95 7.75 -9.52 6.50
C THR E 95 7.25 -8.57 5.41
N LEU E 96 7.80 -7.37 5.39
CA LEU E 96 7.30 -6.33 4.48
C LEU E 96 8.27 -5.93 3.34
N ASN E 97 9.27 -6.76 3.10
CA ASN E 97 10.18 -6.59 1.97
C ASN E 97 10.85 -5.22 1.92
N GLY E 98 11.17 -4.69 3.09
CA GLY E 98 11.89 -3.42 3.22
C GLY E 98 11.01 -2.20 3.14
N GLN E 99 9.71 -2.39 3.03
CA GLN E 99 8.82 -1.21 3.02
C GLN E 99 8.96 -0.42 4.33
N ASP E 100 8.92 -1.17 5.43
CA ASP E 100 9.11 -0.58 6.74
C ASP E 100 10.49 0.05 6.83
N SER E 101 11.52 -0.69 6.43
CA SER E 101 12.88 -0.17 6.45
C SER E 101 13.01 1.14 5.71
N LEU E 102 12.44 1.20 4.52
CA LEU E 102 12.59 2.39 3.67
C LEU E 102 11.92 3.62 4.29
N LEU E 103 10.69 3.46 4.75
CA LEU E 103 9.93 4.56 5.32
C LEU E 103 10.55 5.09 6.62
N SER E 104 11.14 4.18 7.41
CA SER E 104 11.74 4.50 8.69
C SER E 104 13.03 5.28 8.50
N ILE E 105 13.65 5.20 7.33
CA ILE E 105 14.92 5.87 7.07
C ILE E 105 14.67 7.14 6.29
N VAL E 106 13.87 7.04 5.22
CA VAL E 106 13.75 8.16 4.31
C VAL E 106 12.90 9.32 4.83
N GLN E 107 11.89 9.04 5.63
CA GLN E 107 10.90 10.06 6.01
C GLN E 107 11.31 10.91 7.22
N PRO E 109 12.04 14.06 9.28
CA PRO E 109 11.53 15.42 9.17
C PRO E 109 12.70 16.39 8.91
N ALA E 110 12.37 17.62 8.55
CA ALA E 110 13.39 18.66 8.30
C ALA E 110 14.28 18.86 9.54
N GLY E 111 15.58 18.94 9.31
CA GLY E 111 16.52 19.25 10.36
C GLY E 111 17.72 18.34 10.43
N ILE E 112 17.45 17.04 10.29
CA ILE E 112 18.50 16.04 10.38
C ILE E 112 18.31 15.13 9.18
N PRO E 113 19.18 15.25 8.15
CA PRO E 113 18.98 14.49 6.92
C PRO E 113 19.65 13.12 6.95
N VAL E 114 19.01 12.16 6.30
CA VAL E 114 19.67 10.93 5.95
C VAL E 114 19.45 10.70 4.45
N ALA E 115 20.55 10.57 3.72
CA ALA E 115 20.52 10.26 2.30
C ALA E 115 20.21 8.78 2.16
N THR E 116 19.08 8.48 1.55
CA THR E 116 18.57 7.10 1.45
C THR E 116 18.65 6.52 0.03
N PHE E 117 19.00 5.24 -0.03
CA PHE E 117 19.22 4.49 -1.25
C PHE E 117 18.20 3.33 -1.34
N ALA E 118 18.23 2.59 -2.44
CA ALA E 118 17.24 1.51 -2.68
C ALA E 118 17.24 0.45 -1.57
N ILE E 119 16.10 -0.20 -1.41
CA ILE E 119 16.00 -1.34 -0.50
C ILE E 119 16.96 -2.46 -0.94
N GLY E 120 17.71 -2.98 0.00
CA GLY E 120 18.55 -4.17 -0.25
C GLY E 120 19.90 -3.94 -0.87
N ALA E 122 20.98 -3.42 -3.82
CA ALA E 122 21.10 -2.32 -4.75
C ALA E 122 21.48 -1.05 -4.01
N GLY E 123 20.81 -0.78 -2.89
CA GLY E 123 21.13 0.34 -2.06
C GLY E 123 22.49 0.29 -1.39
N ALA E 124 22.89 -0.92 -0.97
CA ALA E 124 24.18 -1.07 -0.32
C ALA E 124 25.29 -0.71 -1.34
N LYS E 125 25.12 -1.17 -2.58
CA LYS E 125 26.09 -0.85 -3.64
C LYS E 125 26.12 0.63 -3.95
N ASN E 126 24.94 1.22 -4.12
CA ASN E 126 24.84 2.63 -4.42
C ASN E 126 25.27 3.57 -3.30
N ALA E 127 25.08 3.20 -2.04
CA ALA E 127 25.64 4.00 -0.98
C ALA E 127 27.18 4.06 -1.08
N ALA E 128 27.84 2.95 -1.38
CA ALA E 128 29.28 2.93 -1.57
C ALA E 128 29.68 3.82 -2.71
N LEU E 129 28.96 3.72 -3.82
CA LEU E 129 29.28 4.56 -4.99
C LEU E 129 29.04 6.05 -4.68
N PHE E 130 28.03 6.34 -3.89
CA PHE E 130 27.71 7.73 -3.53
C PHE E 130 28.79 8.30 -2.61
N ALA E 131 29.23 7.48 -1.67
CA ALA E 131 30.38 7.84 -0.82
C ALA E 131 31.61 8.16 -1.66
N ALA E 132 31.87 7.32 -2.68
CA ALA E 132 32.92 7.62 -3.65
C ALA E 132 32.74 8.97 -4.34
N SER E 133 31.51 9.30 -4.71
CA SER E 133 31.23 10.58 -5.35
C SER E 133 31.43 11.78 -4.37
N ILE E 134 31.26 11.59 -3.06
CA ILE E 134 31.61 12.65 -2.09
C ILE E 134 33.15 12.81 -1.95
N LEU E 135 33.85 11.69 -1.87
CA LEU E 135 35.27 11.64 -1.58
C LEU E 135 36.18 12.01 -2.75
N GLN E 136 35.68 11.91 -3.98
CA GLN E 136 36.47 12.12 -5.17
C GLN E 136 36.94 13.57 -5.27
N HIS E 137 36.20 14.47 -4.63
CA HIS E 137 36.43 15.92 -4.72
C HIS E 137 37.83 16.32 -4.30
N THR E 138 38.41 15.61 -3.34
CA THR E 138 39.74 15.90 -2.82
C THR E 138 40.72 14.71 -2.97
N ASP E 139 40.36 13.73 -3.80
CA ASP E 139 41.23 12.56 -4.00
C ASP E 139 41.21 12.07 -5.44
N ILE E 140 42.32 12.34 -6.14
CA ILE E 140 42.47 12.04 -7.57
C ILE E 140 42.29 10.55 -7.91
N ASN E 141 42.84 9.70 -7.06
CA ASN E 141 42.79 8.26 -7.28
C ASN E 141 41.37 7.75 -7.15
N ILE E 142 40.58 8.35 -6.26
CA ILE E 142 39.18 7.94 -6.10
C ILE E 142 38.35 8.43 -7.29
N ALA E 143 38.58 9.67 -7.75
CA ALA E 143 37.88 10.15 -8.95
C ALA E 143 38.15 9.20 -10.12
N LYS E 144 39.41 8.83 -10.32
CA LYS E 144 39.78 7.90 -11.39
C LYS E 144 39.07 6.55 -11.24
N ALA E 145 39.07 6.02 -10.01
CA ALA E 145 38.49 4.70 -9.76
C ALA E 145 36.99 4.67 -10.03
N LEU E 146 36.30 5.73 -9.62
CA LEU E 146 34.87 5.84 -9.86
C LEU E 146 34.58 6.03 -11.36
N ALA E 147 35.37 6.88 -12.04
CA ALA E 147 35.24 7.03 -13.49
C ALA E 147 35.40 5.67 -14.22
N GLU E 148 36.38 4.90 -13.81
CA GLU E 148 36.62 3.57 -14.39
C GLU E 148 35.49 2.58 -14.09
N PHE E 149 34.95 2.69 -12.91
CA PHE E 149 33.86 1.85 -12.49
C PHE E 149 32.67 2.09 -13.40
N ARG E 150 32.36 3.35 -13.63
CA ARG E 150 31.27 3.70 -14.51
C ARG E 150 31.53 3.31 -15.96
N ALA E 151 32.76 3.46 -16.43
CA ALA E 151 33.10 3.03 -17.76
C ALA E 151 32.95 1.52 -17.94
N GLU E 152 33.33 0.77 -16.94
CA GLU E 152 33.22 -0.69 -16.91
C GLU E 152 31.78 -1.16 -17.00
N GLN E 153 30.89 -0.52 -16.25
CA GLN E 153 29.49 -0.95 -16.26
C GLN E 153 28.81 -0.54 -17.57
N THR E 154 29.23 0.60 -18.12
CA THR E 154 28.71 1.03 -19.40
C THR E 154 29.14 0.09 -20.52
N ARG E 155 30.43 -0.24 -20.53
CA ARG E 155 31.02 -1.15 -21.49
C ARG E 155 30.38 -2.55 -21.44
N PHE E 156 30.12 -3.06 -20.23
CA PHE E 156 29.47 -4.35 -20.02
C PHE E 156 28.13 -4.44 -20.74
N VAL E 157 27.35 -3.36 -20.72
CA VAL E 157 26.07 -3.36 -21.41
C VAL E 157 26.26 -3.18 -22.90
N LEU E 158 27.11 -2.22 -23.29
CA LEU E 158 27.35 -1.94 -24.72
C LEU E 158 27.94 -3.13 -25.48
N GLU E 159 28.74 -3.95 -24.79
CA GLU E 159 29.36 -5.17 -25.37
C GLU E 159 28.53 -6.45 -25.19
N ASN E 160 27.32 -6.30 -24.66
CA ASN E 160 26.46 -7.42 -24.47
C ASN E 160 25.01 -7.02 -24.84
N PRO E 161 24.80 -6.50 -26.08
CA PRO E 161 23.48 -5.96 -26.45
C PRO E 161 22.40 -7.02 -26.73
N ASP E 162 22.80 -8.24 -27.06
CA ASP E 162 21.85 -9.30 -27.44
C ASP E 162 21.50 -10.14 -26.20
N PRO E 163 20.23 -10.11 -25.78
CA PRO E 163 19.89 -10.75 -24.52
C PRO E 163 19.83 -12.28 -24.57
N ARG E 164 19.85 -12.80 -25.79
CA ARG E 164 19.88 -14.24 -26.01
C ARG E 164 21.26 -14.81 -25.69
N SER F 5 1.39 11.59 42.91
CA SER F 5 2.71 11.36 42.29
C SER F 5 2.58 11.33 40.76
N VAL F 6 3.66 11.72 40.11
CA VAL F 6 3.78 11.60 38.64
C VAL F 6 4.16 10.17 38.27
N GLN F 7 3.26 9.45 37.62
CA GLN F 7 3.49 8.06 37.27
C GLN F 7 3.65 7.82 35.78
N VAL F 8 3.24 8.78 34.97
CA VAL F 8 3.31 8.63 33.51
C VAL F 8 4.07 9.81 32.90
N GLY F 9 5.01 9.52 32.02
CA GLY F 9 5.66 10.59 31.23
C GLY F 9 5.08 10.57 29.85
N VAL F 10 4.52 11.69 29.40
CA VAL F 10 4.00 11.86 28.07
C VAL F 10 4.96 12.78 27.34
N ILE F 11 5.62 12.23 26.31
CA ILE F 11 6.61 12.94 25.53
C ILE F 11 6.31 12.90 24.03
N GLY F 13 8.04 14.33 20.02
CA GLY F 13 9.16 14.88 19.26
C GLY F 13 9.09 16.36 18.95
N SER F 14 7.89 16.92 18.86
CA SER F 14 7.75 18.33 18.57
C SER F 14 6.43 18.91 19.06
N LYS F 15 6.40 20.24 19.18
CA LYS F 15 5.19 20.94 19.55
C LYS F 15 4.06 20.72 18.60
N SER F 16 4.36 20.38 17.33
CA SER F 16 3.34 20.12 16.32
C SER F 16 2.53 18.85 16.66
N ASP F 17 3.07 18.03 17.56
CA ASP F 17 2.37 16.83 18.03
C ASP F 17 1.35 17.06 19.16
N TRP F 18 1.32 18.24 19.76
CA TRP F 18 0.49 18.47 20.91
C TRP F 18 -1.01 18.32 20.58
N SER F 19 -1.44 18.72 19.39
CA SER F 19 -2.87 18.60 19.04
C SER F 19 -3.31 17.13 19.14
N THR F 20 -2.39 16.20 18.92
CA THR F 20 -2.67 14.77 19.10
C THR F 20 -2.47 14.37 20.56
N LYS F 22 -2.38 16.04 23.36
CA LYS F 22 -3.14 16.62 24.42
C LYS F 22 -4.33 15.71 24.77
N GLU F 23 -4.76 14.89 23.80
CA GLU F 23 -5.89 13.99 24.01
C GLU F 23 -5.54 12.81 24.95
N CYS F 24 -4.28 12.43 24.93
CA CYS F 24 -3.71 11.53 25.93
C CYS F 24 -3.81 12.14 27.33
N CYS F 25 -3.27 13.35 27.46
CA CYS F 25 -3.27 14.12 28.72
C CYS F 25 -4.66 14.35 29.27
N ASP F 26 -5.62 14.67 28.41
CA ASP F 26 -7.02 14.83 28.80
C ASP F 26 -7.59 13.59 29.52
N ILE F 27 -7.31 12.40 28.97
CA ILE F 27 -7.77 11.16 29.60
C ILE F 27 -7.08 10.87 30.96
N LEU F 28 -5.77 11.02 31.03
CA LEU F 28 -5.05 10.92 32.30
C LEU F 28 -5.63 11.86 33.38
N ASP F 29 -5.92 13.11 33.01
CA ASP F 29 -6.62 14.02 33.93
C ASP F 29 -7.96 13.48 34.38
N ASN F 30 -8.77 12.99 33.43
CA ASN F 30 -10.08 12.48 33.76
C ASN F 30 -9.98 11.29 34.72
N LEU F 31 -8.95 10.47 34.56
CA LEU F 31 -8.74 9.29 35.40
C LEU F 31 -7.93 9.56 36.68
N GLY F 32 -7.53 10.80 36.86
CA GLY F 32 -6.79 11.23 38.04
C GLY F 32 -5.42 10.63 38.16
N ILE F 33 -4.81 10.32 37.00
CA ILE F 33 -3.49 9.75 36.96
C ILE F 33 -2.52 10.90 36.83
N GLY F 34 -1.46 10.86 37.63
CA GLY F 34 -0.45 11.90 37.58
C GLY F 34 0.50 11.72 36.41
N TYR F 35 0.84 12.83 35.78
CA TYR F 35 1.75 12.81 34.64
C TYR F 35 2.51 14.11 34.43
N GLU F 36 3.55 14.03 33.61
CA GLU F 36 4.29 15.16 33.12
C GLU F 36 4.24 15.06 31.60
N CYS F 37 4.24 16.21 30.94
CA CYS F 37 4.31 16.26 29.48
C CYS F 37 5.47 17.11 29.00
N GLU F 38 6.18 16.64 27.97
CA GLU F 38 7.38 17.31 27.56
C GLU F 38 7.68 17.08 26.07
N VAL F 39 8.30 18.07 25.44
CA VAL F 39 8.80 17.92 24.09
C VAL F 39 10.20 17.42 24.24
N VAL F 40 10.45 16.22 23.74
CA VAL F 40 11.75 15.59 23.77
C VAL F 40 11.99 15.04 22.36
N SER F 41 12.89 15.69 21.61
CA SER F 41 13.17 15.31 20.22
C SER F 41 14.28 14.26 20.11
N ALA F 42 13.99 13.11 19.54
CA ALA F 42 15.04 12.10 19.35
C ALA F 42 16.10 12.60 18.37
N HIS F 43 15.69 13.36 17.35
CA HIS F 43 16.65 13.83 16.37
C HIS F 43 17.34 15.15 16.70
N ARG F 44 16.63 16.09 17.33
N ARG F 44 16.62 16.09 17.32
CA ARG F 44 17.17 17.42 17.62
CA ARG F 44 17.15 17.42 17.61
C ARG F 44 17.70 17.56 19.06
C ARG F 44 17.70 17.56 19.06
N THR F 45 17.21 16.75 19.99
CA THR F 45 17.76 16.74 21.36
C THR F 45 18.09 15.32 21.81
N PRO F 46 18.96 14.63 21.09
CA PRO F 46 19.21 13.19 21.37
C PRO F 46 19.75 12.93 22.78
N ASP F 47 20.62 13.84 23.26
CA ASP F 47 21.18 13.72 24.61
C ASP F 47 20.13 13.82 25.70
N LYS F 48 19.22 14.81 25.59
CA LYS F 48 18.13 14.95 26.55
C LYS F 48 17.22 13.73 26.49
N PHE F 50 18.08 10.56 25.75
CA PHE F 50 18.78 9.52 26.49
C PHE F 50 18.65 9.76 28.00
N ASP F 51 18.85 11.01 28.42
CA ASP F 51 18.80 11.34 29.85
C ASP F 51 17.41 11.11 30.39
N TYR F 52 16.39 11.55 29.66
CA TYR F 52 15.02 11.35 30.08
C TYR F 52 14.70 9.87 30.29
N ALA F 53 15.11 9.05 29.31
CA ALA F 53 14.80 7.64 29.34
C ALA F 53 15.60 6.93 30.45
N GLU F 54 16.90 7.22 30.50
CA GLU F 54 17.80 6.67 31.52
C GLU F 54 17.31 6.83 32.96
N THR F 55 16.70 7.98 33.25
CA THR F 55 16.32 8.31 34.62
C THR F 55 14.86 8.19 34.91
N ALA F 56 14.05 7.80 33.92
CA ALA F 56 12.61 7.79 34.17
C ALA F 56 12.26 6.89 35.35
N LYS F 57 12.86 5.71 35.45
CA LYS F 57 12.47 4.76 36.49
C LYS F 57 12.81 5.31 37.90
N GLU F 58 14.02 5.83 38.03
CA GLU F 58 14.44 6.38 39.31
C GLU F 58 13.67 7.66 39.66
N ARG F 59 13.09 8.36 38.66
CA ARG F 59 12.20 9.51 38.92
C ARG F 59 10.78 9.11 39.35
N GLY F 60 10.49 7.82 39.41
CA GLY F 60 9.17 7.39 39.83
C GLY F 60 8.16 7.15 38.72
N LEU F 61 8.57 7.30 37.45
CA LEU F 61 7.68 7.03 36.35
C LEU F 61 7.49 5.53 36.26
N LYS F 62 6.26 5.09 35.91
CA LYS F 62 5.98 3.68 35.71
C LYS F 62 5.68 3.30 34.23
N VAL F 63 5.27 4.28 33.45
CA VAL F 63 5.03 4.12 32.01
C VAL F 63 5.47 5.39 31.27
N ILE F 64 6.00 5.22 30.05
CA ILE F 64 6.27 6.36 29.15
C ILE F 64 5.38 6.21 27.94
N ILE F 65 4.70 7.31 27.57
CA ILE F 65 3.92 7.41 26.35
C ILE F 65 4.62 8.41 25.42
N ALA F 66 4.99 7.95 24.25
CA ALA F 66 5.81 8.73 23.34
C ALA F 66 5.17 8.79 21.95
N GLY F 67 4.93 10.01 21.48
CA GLY F 67 4.37 10.26 20.15
C GLY F 67 5.40 10.81 19.19
N ALA F 68 5.36 10.34 17.96
CA ALA F 68 6.18 10.90 16.92
C ALA F 68 5.60 10.55 15.56
N GLY F 69 5.98 11.34 14.57
CA GLY F 69 5.51 11.19 13.18
C GLY F 69 6.64 10.96 12.20
N GLY F 70 6.27 10.52 10.98
CA GLY F 70 7.25 10.38 9.91
C GLY F 70 8.12 9.18 10.21
N ALA F 71 9.43 9.37 10.07
CA ALA F 71 10.44 8.45 10.55
C ALA F 71 10.44 8.63 12.08
N ALA F 72 9.56 7.89 12.75
CA ALA F 72 9.26 8.09 14.17
C ALA F 72 10.12 7.17 15.02
N HIS F 73 11.20 7.70 15.55
CA HIS F 73 12.18 6.94 16.25
C HIS F 73 12.14 7.11 17.77
N LEU F 74 11.48 8.17 18.25
CA LEU F 74 11.41 8.45 19.70
C LEU F 74 10.95 7.28 20.57
N PRO F 75 9.81 6.64 20.24
CA PRO F 75 9.41 5.54 21.13
C PRO F 75 10.41 4.41 21.24
N GLY F 76 10.95 4.03 20.11
CA GLY F 76 11.91 2.92 20.08
C GLY F 76 13.20 3.25 20.77
N VAL F 78 13.68 5.54 23.17
CA VAL F 78 13.35 5.56 24.61
C VAL F 78 13.32 4.14 25.17
N ALA F 79 12.67 3.23 24.47
CA ALA F 79 12.54 1.87 24.93
C ALA F 79 13.90 1.16 25.00
N ALA F 80 14.84 1.62 24.17
CA ALA F 80 16.21 1.06 24.20
C ALA F 80 16.95 1.45 25.49
N LYS F 81 16.52 2.53 26.13
CA LYS F 81 17.24 3.12 27.24
C LYS F 81 16.51 3.02 28.59
N THR F 82 15.32 2.41 28.62
CA THR F 82 14.60 2.17 29.90
C THR F 82 14.01 0.76 29.91
N THR F 83 13.88 0.12 31.09
CA THR F 83 13.05 -1.11 31.15
C THR F 83 11.56 -0.85 31.43
N LEU F 84 11.17 0.39 31.64
CA LEU F 84 9.77 0.70 31.78
C LEU F 84 9.02 0.37 30.50
N PRO F 85 7.72 0.00 30.60
CA PRO F 85 6.88 -0.10 29.40
C PRO F 85 6.77 1.24 28.65
N VAL F 86 7.04 1.21 27.33
CA VAL F 86 6.91 2.39 26.49
C VAL F 86 5.77 2.18 25.49
N LEU F 87 4.85 3.12 25.49
CA LEU F 87 3.67 3.11 24.61
C LEU F 87 3.94 4.11 23.47
N GLY F 88 3.84 3.64 22.23
CA GLY F 88 4.06 4.45 21.09
C GLY F 88 2.79 4.89 20.39
N VAL F 89 2.69 6.18 20.11
CA VAL F 89 1.56 6.75 19.38
C VAL F 89 2.04 7.33 18.05
N PRO F 90 1.60 6.75 16.96
CA PRO F 90 2.01 7.27 15.68
C PRO F 90 1.18 8.50 15.35
N VAL F 91 1.84 9.64 15.21
CA VAL F 91 1.20 10.91 14.87
C VAL F 91 0.92 10.92 13.38
N LYS F 92 -0.22 11.45 12.99
CA LYS F 92 -0.67 11.37 11.62
C LYS F 92 0.20 12.34 10.87
N SER F 93 0.96 11.81 9.92
CA SER F 93 1.85 12.62 9.11
C SER F 93 1.08 13.25 7.95
N SER F 94 1.53 14.43 7.50
CA SER F 94 0.84 15.15 6.42
C SER F 94 0.96 14.45 5.06
N THR F 95 2.05 13.74 4.80
CA THR F 95 2.20 13.11 3.50
C THR F 95 1.56 11.73 3.42
N LEU F 96 1.88 10.84 4.36
CA LEU F 96 1.49 9.48 4.27
C LEU F 96 0.42 9.09 5.33
N ASN F 97 -0.27 10.08 5.89
CA ASN F 97 -1.34 9.84 6.87
C ASN F 97 -0.98 8.88 8.02
N GLY F 98 0.26 8.94 8.50
CA GLY F 98 0.70 8.10 9.63
C GLY F 98 1.17 6.68 9.26
N GLN F 99 1.12 6.29 8.00
CA GLN F 99 1.67 4.98 7.58
C GLN F 99 3.14 4.83 7.90
N ASP F 100 3.92 5.86 7.58
CA ASP F 100 5.30 5.88 7.98
C ASP F 100 5.48 5.82 9.50
N SER F 101 4.73 6.66 10.21
CA SER F 101 4.79 6.72 11.67
C SER F 101 4.50 5.35 12.25
N LEU F 102 3.48 4.69 11.72
CA LEU F 102 3.04 3.43 12.28
C LEU F 102 4.11 2.34 12.09
N LEU F 103 4.66 2.26 10.90
CA LEU F 103 5.62 1.19 10.60
C LEU F 103 6.94 1.41 11.35
N SER F 104 7.33 2.69 11.48
CA SER F 104 8.53 3.11 12.18
C SER F 104 8.51 2.79 13.67
N ILE F 105 7.32 2.66 14.22
CA ILE F 105 7.10 2.38 15.60
C ILE F 105 6.82 0.93 15.88
N VAL F 106 5.90 0.32 15.13
CA VAL F 106 5.46 -1.02 15.50
C VAL F 106 6.45 -2.11 15.11
N GLN F 107 7.22 -1.89 14.05
CA GLN F 107 8.02 -2.99 13.46
C GLN F 107 9.39 -3.18 14.16
N PRO F 109 12.24 -4.99 15.93
CA PRO F 109 12.72 -6.35 15.98
C PRO F 109 12.70 -6.90 17.40
N ALA F 110 12.83 -8.19 17.51
CA ALA F 110 12.79 -8.85 18.82
C ALA F 110 13.88 -8.29 19.71
N GLY F 111 13.51 -7.98 20.96
CA GLY F 111 14.46 -7.58 22.01
C GLY F 111 14.15 -6.32 22.74
N ILE F 112 13.55 -5.37 22.05
CA ILE F 112 13.24 -4.07 22.64
C ILE F 112 11.84 -3.76 22.14
N PRO F 113 10.84 -3.95 23.01
CA PRO F 113 9.47 -3.80 22.55
C PRO F 113 8.94 -2.38 22.64
N VAL F 114 8.04 -2.03 21.75
CA VAL F 114 7.21 -0.82 21.92
C VAL F 114 5.76 -1.23 21.70
N ALA F 115 4.92 -1.02 22.70
CA ALA F 115 3.48 -1.19 22.54
C ALA F 115 2.90 -0.08 21.67
N THR F 116 2.36 -0.44 20.52
CA THR F 116 1.85 0.55 19.55
C THR F 116 0.36 0.60 19.48
N PHE F 117 -0.13 1.83 19.35
CA PHE F 117 -1.54 2.11 19.25
C PHE F 117 -1.90 2.75 17.91
N ALA F 118 -3.20 3.02 17.71
CA ALA F 118 -3.67 3.49 16.42
C ALA F 118 -3.07 4.86 16.03
N ILE F 119 -3.03 5.09 14.74
CA ILE F 119 -2.55 6.34 14.22
C ILE F 119 -3.42 7.49 14.77
N GLY F 120 -2.77 8.52 15.28
CA GLY F 120 -3.42 9.75 15.61
C GLY F 120 -4.12 9.81 16.98
N ALA F 122 -6.87 8.68 18.20
CA ALA F 122 -7.41 7.43 18.71
C ALA F 122 -6.33 6.66 19.50
N GLY F 123 -5.13 6.64 18.93
CA GLY F 123 -3.95 6.02 19.58
C GLY F 123 -3.50 6.76 20.83
N ALA F 124 -3.52 8.10 20.80
CA ALA F 124 -3.17 8.93 21.95
C ALA F 124 -4.10 8.63 23.12
N LYS F 125 -5.41 8.58 22.84
CA LYS F 125 -6.39 8.29 23.87
C LYS F 125 -6.22 6.88 24.42
N ASN F 126 -6.03 5.93 23.52
CA ASN F 126 -5.88 4.53 23.91
C ASN F 126 -4.61 4.29 24.70
N ALA F 127 -3.54 5.01 24.38
CA ALA F 127 -2.32 4.86 25.18
C ALA F 127 -2.56 5.30 26.60
N ALA F 128 -3.30 6.39 26.79
CA ALA F 128 -3.65 6.81 28.14
C ALA F 128 -4.45 5.72 28.89
N LEU F 129 -5.44 5.15 28.21
CA LEU F 129 -6.29 4.14 28.80
C LEU F 129 -5.50 2.85 29.08
N PHE F 130 -4.54 2.51 28.21
CA PHE F 130 -3.68 1.35 28.43
C PHE F 130 -2.77 1.55 29.64
N ALA F 131 -2.23 2.76 29.77
CA ALA F 131 -1.46 3.13 30.96
C ALA F 131 -2.31 2.94 32.21
N ALA F 132 -3.58 3.37 32.19
CA ALA F 132 -4.52 3.13 33.28
C ALA F 132 -4.66 1.63 33.59
N SER F 133 -4.78 0.80 32.56
CA SER F 133 -4.91 -0.63 32.81
C SER F 133 -3.60 -1.21 33.44
N ILE F 134 -2.44 -0.65 33.14
CA ILE F 134 -1.20 -1.07 33.82
C ILE F 134 -1.20 -0.65 35.28
N LEU F 135 -1.55 0.61 35.53
CA LEU F 135 -1.46 1.20 36.87
C LEU F 135 -2.61 0.83 37.85
N GLN F 136 -3.72 0.31 37.35
CA GLN F 136 -4.84 0.00 38.25
C GLN F 136 -4.53 -1.17 39.19
N HIS F 137 -3.51 -1.97 38.85
CA HIS F 137 -3.18 -3.18 39.60
C HIS F 137 -2.67 -2.83 40.98
N THR F 138 -2.15 -1.61 41.17
CA THR F 138 -1.68 -1.19 42.50
C THR F 138 -2.31 0.15 42.97
N ASP F 139 -3.45 0.51 42.39
CA ASP F 139 -4.14 1.74 42.76
C ASP F 139 -5.64 1.63 42.53
N ILE F 140 -6.39 1.57 43.64
CA ILE F 140 -7.84 1.40 43.65
C ILE F 140 -8.62 2.59 43.09
N ASN F 141 -8.08 3.78 43.25
CA ASN F 141 -8.76 4.96 42.71
C ASN F 141 -8.71 4.92 41.18
N ILE F 142 -7.60 4.43 40.64
CA ILE F 142 -7.46 4.29 39.19
C ILE F 142 -8.39 3.20 38.67
N ALA F 143 -8.51 2.08 39.41
CA ALA F 143 -9.40 0.97 39.03
C ALA F 143 -10.83 1.47 38.91
N LYS F 144 -11.28 2.19 39.93
CA LYS F 144 -12.61 2.77 39.97
C LYS F 144 -12.79 3.76 38.83
N ALA F 145 -11.78 4.60 38.61
CA ALA F 145 -11.84 5.66 37.59
C ALA F 145 -11.92 5.04 36.17
N LEU F 146 -11.16 3.99 35.94
CA LEU F 146 -11.20 3.26 34.65
C LEU F 146 -12.53 2.50 34.48
N ALA F 147 -12.99 1.86 35.56
CA ALA F 147 -14.24 1.11 35.51
C ALA F 147 -15.33 2.07 35.16
N GLU F 148 -15.29 3.25 35.76
CA GLU F 148 -16.31 4.25 35.52
C GLU F 148 -16.24 4.82 34.10
N PHE F 149 -15.02 5.00 33.60
CA PHE F 149 -14.82 5.51 32.24
C PHE F 149 -15.47 4.50 31.27
N ARG F 150 -15.18 3.21 31.47
CA ARG F 150 -15.72 2.17 30.59
C ARG F 150 -17.22 2.06 30.73
N ALA F 151 -17.74 2.20 31.95
CA ALA F 151 -19.18 2.15 32.15
C ALA F 151 -19.85 3.33 31.48
N GLU F 152 -19.24 4.51 31.52
CA GLU F 152 -19.84 5.67 30.90
C GLU F 152 -19.83 5.59 29.38
N GLN F 153 -18.74 5.10 28.79
CA GLN F 153 -18.71 5.04 27.32
C GLN F 153 -19.70 3.99 26.84
N THR F 154 -19.85 2.90 27.58
CA THR F 154 -20.90 1.90 27.31
C THR F 154 -22.30 2.51 27.42
N ARG F 155 -22.56 3.27 28.48
CA ARG F 155 -23.87 3.90 28.64
C ARG F 155 -24.19 4.85 27.53
N PHE F 156 -23.20 5.62 27.09
CA PHE F 156 -23.40 6.55 25.98
C PHE F 156 -23.90 5.89 24.70
N VAL F 157 -23.41 4.69 24.39
CA VAL F 157 -23.84 4.02 23.24
C VAL F 157 -25.25 3.49 23.45
N LEU F 158 -25.45 2.88 24.60
CA LEU F 158 -26.76 2.28 24.93
C LEU F 158 -27.89 3.30 25.07
N GLU F 159 -27.56 4.52 25.46
CA GLU F 159 -28.64 5.44 25.80
C GLU F 159 -29.28 5.99 24.55
N ASN F 160 -28.56 5.95 23.42
CA ASN F 160 -29.05 6.45 22.15
C ASN F 160 -28.94 5.37 21.04
N PRO F 161 -29.91 4.43 20.99
CA PRO F 161 -29.76 3.27 20.11
C PRO F 161 -30.19 3.49 18.68
N ASP F 162 -31.21 4.31 18.42
CA ASP F 162 -31.66 4.55 17.06
C ASP F 162 -31.14 5.92 16.62
N PRO F 163 -30.26 5.96 15.58
CA PRO F 163 -29.61 7.21 15.20
C PRO F 163 -30.49 8.14 14.33
N ARG F 164 -31.64 7.66 13.86
CA ARG F 164 -32.52 8.49 13.03
C ARG F 164 -33.13 9.59 13.90
N GLU F 165 -33.16 10.82 13.38
CA GLU F 165 -33.90 11.91 14.02
C GLU F 165 -35.38 11.84 13.60
N HIS F 166 -35.63 11.53 12.32
CA HIS F 166 -36.97 11.48 11.77
C HIS F 166 -37.21 10.16 11.03
N SER G 5 3.74 -19.21 39.47
CA SER G 5 2.29 -18.82 39.46
C SER G 5 1.92 -18.30 38.07
N VAL G 6 0.66 -18.46 37.67
CA VAL G 6 0.22 -18.14 36.29
C VAL G 6 -0.29 -16.68 36.18
N GLN G 7 0.50 -15.80 35.55
CA GLN G 7 0.17 -14.39 35.48
C GLN G 7 -0.15 -13.90 34.08
N VAL G 8 0.16 -14.72 33.08
CA VAL G 8 -0.03 -14.40 31.66
C VAL G 8 -0.89 -15.48 30.96
N GLY G 9 -1.92 -15.02 30.27
CA GLY G 9 -2.73 -15.85 29.38
C GLY G 9 -2.26 -15.57 27.96
N VAL G 10 -1.78 -16.61 27.28
CA VAL G 10 -1.40 -16.56 25.88
C VAL G 10 -2.47 -17.30 25.09
N ILE G 11 -3.17 -16.57 24.22
CA ILE G 11 -4.23 -17.16 23.45
C ILE G 11 -4.01 -16.91 21.98
N GLY G 13 -5.88 -17.56 17.84
CA GLY G 13 -7.10 -17.87 17.13
C GLY G 13 -7.23 -19.28 16.60
N SER G 14 -6.13 -19.93 16.23
CA SER G 14 -6.15 -21.29 15.74
C SER G 14 -4.81 -21.96 16.06
N LYS G 15 -4.82 -23.30 16.07
CA LYS G 15 -3.60 -24.11 16.22
C LYS G 15 -2.50 -23.69 15.24
N SER G 16 -2.89 -23.26 14.04
CA SER G 16 -1.91 -22.88 13.01
C SER G 16 -1.08 -21.63 13.44
N ASP G 17 -1.57 -20.89 14.43
CA ASP G 17 -0.83 -19.76 14.99
C ASP G 17 0.30 -20.15 15.96
N TRP G 18 0.37 -21.43 16.35
CA TRP G 18 1.33 -21.89 17.35
C TRP G 18 2.80 -21.74 16.95
N SER G 19 3.13 -21.86 15.65
CA SER G 19 4.54 -21.72 15.25
C SER G 19 5.00 -20.31 15.55
N THR G 20 4.07 -19.35 15.55
CA THR G 20 4.38 -17.98 15.96
C THR G 20 4.35 -17.79 17.47
N LYS G 22 4.48 -19.88 19.96
CA LYS G 22 5.44 -20.65 20.76
C LYS G 22 6.69 -19.82 21.09
N GLU G 23 6.98 -18.83 20.24
CA GLU G 23 8.14 -17.96 20.46
C GLU G 23 7.94 -16.95 21.59
N CYS G 24 6.68 -16.53 21.79
CA CYS G 24 6.30 -15.81 22.97
C CYS G 24 6.49 -16.68 24.23
N CYS G 25 5.83 -17.84 24.26
CA CYS G 25 5.93 -18.77 25.37
C CYS G 25 7.40 -19.14 25.74
N ASP G 26 8.28 -19.29 24.75
CA ASP G 26 9.70 -19.57 25.00
C ASP G 26 10.36 -18.44 25.80
N ILE G 27 10.04 -17.19 25.47
CA ILE G 27 10.63 -16.10 26.21
C ILE G 27 10.06 -16.05 27.62
N LEU G 28 8.75 -16.29 27.75
CA LEU G 28 8.13 -16.32 29.08
C LEU G 28 8.79 -17.39 29.93
N ASP G 29 9.03 -18.58 29.36
CA ASP G 29 9.75 -19.66 30.05
C ASP G 29 11.11 -19.18 30.50
N ASN G 30 11.84 -18.54 29.60
CA ASN G 30 13.20 -18.10 29.89
C ASN G 30 13.24 -17.08 31.02
N LEU G 31 12.20 -16.25 31.13
CA LEU G 31 12.12 -15.24 32.18
C LEU G 31 11.48 -15.73 33.47
N GLY G 32 11.14 -17.02 33.54
CA GLY G 32 10.43 -17.59 34.68
C GLY G 32 9.04 -17.03 34.96
N ILE G 33 8.30 -16.66 33.91
CA ILE G 33 6.96 -16.11 34.06
C ILE G 33 5.99 -17.27 33.80
N GLY G 34 5.10 -17.53 34.76
CA GLY G 34 4.08 -18.54 34.60
C GLY G 34 2.97 -18.09 33.66
N TYR G 35 2.52 -19.00 32.82
CA TYR G 35 1.50 -18.70 31.84
C TYR G 35 0.68 -19.94 31.53
N GLU G 36 -0.48 -19.69 30.91
CA GLU G 36 -1.30 -20.71 30.30
C GLU G 36 -1.42 -20.37 28.81
N CYS G 37 -1.65 -21.39 27.99
CA CYS G 37 -1.78 -21.21 26.55
C CYS G 37 -2.98 -21.98 26.05
N GLU G 38 -3.77 -21.33 25.22
CA GLU G 38 -5.00 -21.92 24.76
C GLU G 38 -5.37 -21.39 23.39
N VAL G 39 -6.07 -22.19 22.62
CA VAL G 39 -6.63 -21.75 21.36
C VAL G 39 -8.06 -21.26 21.65
N VAL G 40 -8.30 -20.01 21.31
CA VAL G 40 -9.58 -19.31 21.57
C VAL G 40 -9.86 -18.58 20.28
N SER G 41 -10.84 -19.06 19.52
CA SER G 41 -11.18 -18.45 18.24
C SER G 41 -12.28 -17.41 18.41
N ALA G 42 -12.04 -16.18 17.95
CA ALA G 42 -13.06 -15.12 18.01
C ALA G 42 -14.29 -15.48 17.21
N HIS G 43 -14.08 -16.10 16.05
CA HIS G 43 -15.19 -16.44 15.15
C HIS G 43 -15.80 -17.83 15.29
N ARG G 44 -15.00 -18.85 15.63
CA ARG G 44 -15.49 -20.17 15.87
C ARG G 44 -15.92 -20.48 17.30
N THR G 45 -15.41 -19.72 18.28
CA THR G 45 -15.76 -20.00 19.71
C THR G 45 -15.98 -18.64 20.39
N PRO G 46 -16.94 -17.86 19.87
CA PRO G 46 -17.12 -16.52 20.43
C PRO G 46 -17.52 -16.54 21.90
N ASP G 47 -18.39 -17.49 22.30
CA ASP G 47 -18.82 -17.53 23.72
C ASP G 47 -17.66 -17.90 24.65
N LYS G 48 -16.85 -18.88 24.27
CA LYS G 48 -15.66 -19.21 25.02
C LYS G 48 -14.68 -18.04 25.14
N PHE G 50 -15.55 -14.72 25.12
CA PHE G 50 -16.10 -13.77 26.11
C PHE G 50 -15.87 -14.32 27.53
N ASP G 51 -16.09 -15.63 27.70
CA ASP G 51 -15.94 -16.26 29.01
C ASP G 51 -14.52 -16.15 29.51
N TYR G 52 -13.57 -16.47 28.63
CA TYR G 52 -12.16 -16.40 28.94
C TYR G 52 -11.75 -15.00 29.41
N ALA G 53 -12.17 -14.00 28.64
CA ALA G 53 -11.86 -12.61 28.93
C ALA G 53 -12.48 -12.15 30.25
N GLU G 54 -13.76 -12.43 30.42
CA GLU G 54 -14.53 -12.03 31.62
C GLU G 54 -13.92 -12.48 32.93
N THR G 55 -13.37 -13.69 32.95
CA THR G 55 -12.87 -14.27 34.18
C THR G 55 -11.36 -14.17 34.35
N ALA G 56 -10.65 -13.65 33.35
CA ALA G 56 -9.20 -13.61 33.40
C ALA G 56 -8.66 -12.98 34.68
N LYS G 57 -9.14 -11.79 35.03
CA LYS G 57 -8.63 -11.07 36.22
C LYS G 57 -8.91 -11.90 37.49
N GLU G 58 -10.11 -12.44 37.58
CA GLU G 58 -10.47 -13.24 38.76
C GLU G 58 -9.72 -14.59 38.85
N ARG G 59 -9.18 -15.05 37.72
CA ARG G 59 -8.34 -16.24 37.69
C ARG G 59 -6.86 -15.93 37.98
N GLY G 60 -6.55 -14.66 38.23
CA GLY G 60 -5.21 -14.28 38.64
C GLY G 60 -4.31 -13.80 37.52
N LEU G 61 -4.84 -13.77 36.29
CA LEU G 61 -4.04 -13.30 35.19
C LEU G 61 -3.87 -11.78 35.31
N LYS G 62 -2.70 -11.31 34.89
CA LYS G 62 -2.37 -9.90 34.93
C LYS G 62 -2.24 -9.28 33.53
N VAL G 63 -1.94 -10.10 32.53
CA VAL G 63 -1.77 -9.68 31.14
C VAL G 63 -2.25 -10.79 30.22
N ILE G 64 -2.90 -10.42 29.13
CA ILE G 64 -3.30 -11.35 28.11
C ILE G 64 -2.54 -11.00 26.85
N ILE G 65 -1.95 -12.01 26.23
CA ILE G 65 -1.26 -11.90 24.96
C ILE G 65 -2.05 -12.69 23.95
N ALA G 66 -2.60 -11.98 22.95
CA ALA G 66 -3.48 -12.59 21.94
C ALA G 66 -2.92 -12.47 20.53
N GLY G 67 -2.79 -13.61 19.87
CA GLY G 67 -2.36 -13.64 18.48
C GLY G 67 -3.42 -14.08 17.50
N ALA G 68 -3.53 -13.38 16.36
CA ALA G 68 -4.41 -13.83 15.31
C ALA G 68 -3.95 -13.27 13.97
N GLY G 69 -4.43 -13.90 12.90
CA GLY G 69 -4.15 -13.54 11.50
C GLY G 69 -5.37 -13.02 10.74
N GLY G 70 -5.13 -12.39 9.59
CA GLY G 70 -6.20 -12.04 8.69
C GLY G 70 -7.01 -10.92 9.28
N ALA G 71 -8.33 -11.10 9.23
CA ALA G 71 -9.26 -10.18 9.91
C ALA G 71 -9.14 -10.63 11.36
N ALA G 72 -8.18 -10.03 12.04
CA ALA G 72 -7.76 -10.50 13.38
C ALA G 72 -8.53 -9.75 14.45
N HIS G 73 -9.62 -10.34 14.92
CA HIS G 73 -10.47 -9.71 15.90
C HIS G 73 -10.25 -10.17 17.35
N LEU G 74 -9.52 -11.27 17.56
CA LEU G 74 -9.36 -11.82 18.90
C LEU G 74 -8.80 -10.83 19.93
N PRO G 75 -7.67 -10.15 19.63
CA PRO G 75 -7.19 -9.18 20.63
C PRO G 75 -8.15 -8.07 21.03
N GLY G 76 -8.78 -7.45 20.05
CA GLY G 76 -9.71 -6.38 20.33
C GLY G 76 -10.94 -6.80 21.10
N VAL G 78 -11.21 -9.46 23.07
CA VAL G 78 -10.82 -9.81 24.43
C VAL G 78 -10.69 -8.52 25.25
N ALA G 79 -10.02 -7.54 24.68
CA ALA G 79 -9.84 -6.23 25.33
C ALA G 79 -11.15 -5.55 25.69
N ALA G 80 -12.19 -5.80 24.89
CA ALA G 80 -13.52 -5.28 25.12
C ALA G 80 -14.18 -5.85 26.38
N LYS G 81 -13.75 -7.04 26.79
CA LYS G 81 -14.39 -7.82 27.85
C LYS G 81 -13.52 -8.07 29.07
N THR G 82 -12.30 -7.55 29.10
CA THR G 82 -11.46 -7.52 30.31
C THR G 82 -10.88 -6.13 30.54
N THR G 83 -10.66 -5.74 31.80
CA THR G 83 -9.89 -4.51 32.06
C THR G 83 -8.42 -4.75 32.13
N LEU G 84 -7.97 -6.00 31.98
CA LEU G 84 -6.54 -6.27 31.95
C LEU G 84 -5.91 -5.71 30.68
N PRO G 85 -4.59 -5.41 30.71
CA PRO G 85 -3.87 -5.06 29.50
C PRO G 85 -3.85 -6.24 28.52
N VAL G 86 -4.24 -5.98 27.26
CA VAL G 86 -4.19 -6.99 26.22
C VAL G 86 -3.13 -6.56 25.21
N LEU G 87 -2.22 -7.49 24.94
CA LEU G 87 -1.16 -7.32 23.98
C LEU G 87 -1.57 -8.10 22.73
N GLY G 88 -1.45 -7.47 21.57
CA GLY G 88 -1.84 -8.07 20.30
C GLY G 88 -0.66 -8.38 19.39
N VAL G 89 -0.64 -9.60 18.85
CA VAL G 89 0.44 -10.07 17.99
C VAL G 89 -0.19 -10.35 16.62
N PRO G 90 0.16 -9.56 15.60
CA PRO G 90 -0.41 -9.83 14.27
C PRO G 90 0.33 -11.03 13.65
N VAL G 91 -0.38 -12.10 13.38
CA VAL G 91 0.26 -13.27 12.77
C VAL G 91 0.43 -13.04 11.29
N LYS G 92 1.55 -13.51 10.74
CA LYS G 92 1.89 -13.27 9.34
C LYS G 92 1.00 -14.14 8.49
N SER G 93 0.07 -13.48 7.83
CA SER G 93 -0.88 -14.10 6.95
C SER G 93 -0.20 -14.46 5.62
N SER G 94 -0.60 -15.61 5.08
CA SER G 94 0.02 -16.11 3.85
C SER G 94 -0.23 -15.15 2.67
N THR G 95 -1.42 -14.56 2.58
CA THR G 95 -1.74 -13.73 1.41
C THR G 95 -1.12 -12.33 1.51
N LEU G 96 -1.41 -11.61 2.61
CA LEU G 96 -1.04 -10.20 2.70
C LEU G 96 0.11 -9.90 3.71
N ASN G 97 0.84 -10.95 4.10
CA ASN G 97 2.04 -10.79 4.92
C ASN G 97 1.78 -10.06 6.23
N GLY G 98 0.61 -10.29 6.79
CA GLY G 98 0.24 -9.71 8.07
C GLY G 98 -0.19 -8.26 8.03
N GLN G 99 -0.35 -7.66 6.85
CA GLN G 99 -0.79 -6.25 6.82
C GLN G 99 -2.24 -6.16 7.25
N ASP G 100 -3.05 -7.15 6.82
CA ASP G 100 -4.41 -7.27 7.33
C ASP G 100 -4.43 -7.46 8.85
N SER G 101 -3.65 -8.42 9.35
CA SER G 101 -3.57 -8.68 10.78
C SER G 101 -3.20 -7.43 11.57
N LEU G 102 -2.19 -6.71 11.07
CA LEU G 102 -1.71 -5.50 11.74
C LEU G 102 -2.76 -4.42 11.85
N LEU G 103 -3.43 -4.11 10.75
CA LEU G 103 -4.44 -3.04 10.75
C LEU G 103 -5.67 -3.44 11.56
N SER G 104 -6.05 -4.71 11.50
CA SER G 104 -7.18 -5.23 12.27
C SER G 104 -6.96 -5.17 13.80
N ILE G 105 -5.69 -5.09 14.25
CA ILE G 105 -5.38 -5.13 15.66
C ILE G 105 -5.04 -3.72 16.14
N VAL G 106 -4.21 -3.01 15.40
CA VAL G 106 -3.69 -1.74 15.91
C VAL G 106 -4.68 -0.59 15.80
N GLN G 107 -5.58 -0.64 14.81
CA GLN G 107 -6.42 0.51 14.49
C GLN G 107 -7.69 0.65 15.35
N PRO G 109 -10.41 2.10 17.64
CA PRO G 109 -10.84 3.46 17.98
C PRO G 109 -10.72 3.71 19.47
N ALA G 110 -10.83 4.96 19.86
CA ALA G 110 -10.61 5.38 21.26
C ALA G 110 -11.62 4.65 22.14
N GLY G 111 -11.12 4.12 23.24
CA GLY G 111 -11.98 3.57 24.28
C GLY G 111 -11.58 2.20 24.76
N ILE G 112 -11.09 1.36 23.84
CA ILE G 112 -10.69 0.02 24.15
C ILE G 112 -9.32 -0.19 23.48
N PRO G 113 -8.23 -0.12 24.28
CA PRO G 113 -6.90 -0.23 23.72
C PRO G 113 -6.42 -1.68 23.48
N VAL G 114 -5.61 -1.85 22.44
CA VAL G 114 -4.81 -3.04 22.29
C VAL G 114 -3.39 -2.63 21.99
N ALA G 115 -2.45 -3.06 22.85
CA ALA G 115 -1.04 -2.74 22.63
C ALA G 115 -0.52 -3.66 21.54
N THR G 116 -0.10 -3.11 20.43
CA THR G 116 0.27 -3.93 19.26
C THR G 116 1.77 -3.98 19.02
N PHE G 117 2.25 -5.17 18.63
CA PHE G 117 3.67 -5.40 18.34
C PHE G 117 3.91 -5.81 16.89
N ALA G 118 5.17 -6.04 16.51
CA ALA G 118 5.50 -6.33 15.13
C ALA G 118 4.81 -7.54 14.56
N ILE G 119 4.66 -7.53 13.26
CA ILE G 119 4.09 -8.66 12.57
C ILE G 119 4.98 -9.88 12.79
N GLY G 120 4.35 -11.00 13.07
CA GLY G 120 5.05 -12.27 13.15
C GLY G 120 5.80 -12.56 14.43
N ALA G 122 8.69 -11.73 15.53
CA ALA G 122 9.27 -10.58 16.24
C ALA G 122 8.31 -9.97 17.27
N GLY G 123 7.05 -9.81 16.89
CA GLY G 123 6.02 -9.29 17.78
C GLY G 123 5.64 -10.29 18.88
N ALA G 124 5.67 -11.58 18.57
CA ALA G 124 5.38 -12.59 19.58
C ALA G 124 6.43 -12.51 20.69
N LYS G 125 7.70 -12.46 20.29
CA LYS G 125 8.80 -12.29 21.25
C LYS G 125 8.65 -10.98 22.05
N ASN G 126 8.42 -9.89 21.35
CA ASN G 126 8.30 -8.61 22.01
C ASN G 126 7.12 -8.47 22.94
N ALA G 127 6.01 -9.10 22.59
CA ALA G 127 4.89 -9.18 23.51
C ALA G 127 5.26 -9.84 24.86
N ALA G 128 6.04 -10.92 24.82
CA ALA G 128 6.47 -11.59 26.00
C ALA G 128 7.32 -10.66 26.85
N LEU G 129 8.26 -9.97 26.20
CA LEU G 129 9.19 -9.07 26.87
C LEU G 129 8.44 -7.86 27.44
N PHE G 130 7.41 -7.40 26.74
CA PHE G 130 6.63 -6.31 27.25
C PHE G 130 5.76 -6.74 28.43
N ALA G 131 5.26 -7.97 28.39
CA ALA G 131 4.55 -8.51 29.55
C ALA G 131 5.48 -8.52 30.76
N ALA G 132 6.75 -8.87 30.53
CA ALA G 132 7.71 -8.86 31.63
C ALA G 132 7.89 -7.46 32.20
N SER G 133 7.97 -6.47 31.32
CA SER G 133 8.10 -5.10 31.75
C SER G 133 6.87 -4.63 32.56
N ILE G 134 5.70 -5.22 32.34
CA ILE G 134 4.51 -4.92 33.19
C ILE G 134 4.63 -5.62 34.54
N LEU G 135 5.03 -6.87 34.52
CA LEU G 135 5.03 -7.69 35.71
C LEU G 135 6.20 -7.40 36.66
N GLN G 136 7.25 -6.75 36.16
CA GLN G 136 8.45 -6.49 36.98
C GLN G 136 8.20 -5.57 38.17
N HIS G 137 7.21 -4.69 38.06
CA HIS G 137 6.92 -3.76 39.13
C HIS G 137 6.54 -4.46 40.44
N THR G 138 5.77 -5.55 40.34
CA THR G 138 5.34 -6.32 41.51
C THR G 138 6.08 -7.64 41.71
N ASP G 139 7.13 -7.89 40.94
CA ASP G 139 7.79 -9.19 41.01
C ASP G 139 9.30 -9.05 40.83
N ILE G 140 10.05 -9.28 41.91
CA ILE G 140 11.52 -9.12 41.91
C ILE G 140 12.28 -10.02 40.97
N ASN G 141 11.91 -11.30 40.95
CA ASN G 141 12.63 -12.26 40.11
C ASN G 141 12.43 -11.97 38.63
N ILE G 142 11.22 -11.53 38.27
CA ILE G 142 10.97 -11.12 36.87
C ILE G 142 11.77 -9.85 36.53
N ALA G 143 11.78 -8.87 37.46
CA ALA G 143 12.62 -7.64 37.26
C ALA G 143 14.07 -8.04 36.99
N LYS G 144 14.57 -8.95 37.82
CA LYS G 144 15.93 -9.50 37.66
C LYS G 144 16.12 -10.24 36.32
N ALA G 145 15.19 -11.10 35.93
CA ALA G 145 15.31 -11.89 34.69
C ALA G 145 15.31 -10.98 33.45
N LEU G 146 14.49 -9.94 33.46
CA LEU G 146 14.41 -8.98 32.37
C LEU G 146 15.66 -8.10 32.29
N ALA G 147 16.15 -7.62 33.44
CA ALA G 147 17.45 -6.88 33.51
C ALA G 147 18.57 -7.73 32.90
N GLU G 148 18.60 -9.01 33.24
CA GLU G 148 19.67 -9.92 32.80
C GLU G 148 19.55 -10.25 31.28
N PHE G 149 18.30 -10.33 30.81
CA PHE G 149 18.04 -10.54 29.42
C PHE G 149 18.61 -9.39 28.57
N ARG G 150 18.30 -8.17 28.98
CA ARG G 150 18.73 -6.98 28.29
C ARG G 150 20.24 -6.83 28.34
N ALA G 151 20.82 -7.07 29.50
CA ALA G 151 22.28 -7.04 29.65
C ALA G 151 22.97 -8.02 28.74
N GLU G 152 22.45 -9.25 28.68
CA GLU G 152 23.02 -10.28 27.82
C GLU G 152 22.86 -9.98 26.32
N GLN G 153 21.74 -9.41 25.90
CA GLN G 153 21.58 -9.09 24.46
C GLN G 153 22.52 -7.94 24.04
N THR G 154 22.73 -6.99 24.96
CA THR G 154 23.69 -5.91 24.76
C THR G 154 25.13 -6.48 24.69
N ARG G 155 25.45 -7.42 25.58
CA ARG G 155 26.78 -8.03 25.58
C ARG G 155 27.04 -8.80 24.32
N PHE G 156 26.03 -9.52 23.84
CA PHE G 156 26.19 -10.28 22.60
C PHE G 156 26.54 -9.44 21.38
N VAL G 157 26.01 -8.24 21.28
CA VAL G 157 26.37 -7.35 20.17
C VAL G 157 27.76 -6.73 20.40
N LEU G 158 28.07 -6.35 21.63
CA LEU G 158 29.39 -5.79 21.98
C LEU G 158 30.54 -6.80 21.76
N GLU G 159 30.26 -8.09 21.92
CA GLU G 159 31.26 -9.16 21.77
C GLU G 159 31.49 -9.58 20.33
N ASN G 160 30.57 -9.17 19.48
CA ASN G 160 30.56 -9.59 18.13
C ASN G 160 30.41 -8.35 17.24
N PRO G 161 31.46 -7.48 17.21
CA PRO G 161 31.35 -6.28 16.39
C PRO G 161 31.70 -6.49 14.91
N ASP G 162 32.53 -7.49 14.61
CA ASP G 162 33.00 -7.69 13.24
C ASP G 162 32.07 -8.65 12.49
N PRO G 163 31.44 -8.19 11.40
CA PRO G 163 30.42 -9.04 10.74
C PRO G 163 30.90 -10.08 9.66
N SER H 5 -31.24 -30.48 -7.56
CA SER H 5 -31.60 -29.06 -7.78
C SER H 5 -30.32 -28.19 -7.86
N VAL H 6 -29.98 -27.78 -9.06
CA VAL H 6 -28.79 -26.95 -9.27
C VAL H 6 -29.14 -25.48 -8.95
N GLN H 7 -28.75 -25.05 -7.76
CA GLN H 7 -29.16 -23.74 -7.27
C GLN H 7 -28.02 -22.72 -7.29
N VAL H 8 -26.79 -23.19 -7.39
CA VAL H 8 -25.63 -22.28 -7.36
C VAL H 8 -24.73 -22.52 -8.57
N GLY H 9 -24.34 -21.44 -9.25
CA GLY H 9 -23.39 -21.51 -10.37
C GLY H 9 -22.06 -20.99 -9.88
N VAL H 10 -21.04 -21.84 -9.98
CA VAL H 10 -19.68 -21.55 -9.62
C VAL H 10 -18.88 -21.39 -10.93
N ILE H 11 -18.42 -20.18 -11.19
CA ILE H 11 -17.73 -19.88 -12.41
C ILE H 11 -16.41 -19.22 -12.07
N GLY H 13 -12.64 -17.39 -14.14
CA GLY H 13 -12.11 -16.82 -15.38
C GLY H 13 -11.23 -17.73 -16.18
N SER H 14 -10.60 -18.69 -15.51
CA SER H 14 -9.66 -19.62 -16.12
C SER H 14 -9.47 -20.89 -15.29
N LYS H 15 -8.96 -21.94 -15.96
CA LYS H 15 -8.58 -23.19 -15.31
C LYS H 15 -7.60 -23.02 -14.16
N SER H 16 -6.70 -22.07 -14.28
CA SER H 16 -5.74 -21.84 -13.22
C SER H 16 -6.42 -21.45 -11.89
N ASP H 17 -7.68 -21.00 -11.95
CA ASP H 17 -8.44 -20.70 -10.72
C ASP H 17 -9.03 -21.91 -10.00
N TRP H 18 -9.05 -23.07 -10.64
CA TRP H 18 -9.71 -24.22 -10.06
C TRP H 18 -9.10 -24.64 -8.71
N SER H 19 -7.79 -24.47 -8.53
CA SER H 19 -7.21 -24.87 -7.22
C SER H 19 -7.82 -24.08 -6.06
N THR H 20 -8.34 -22.89 -6.38
CA THR H 20 -9.00 -22.07 -5.40
C THR H 20 -10.47 -22.43 -5.37
N LYS H 22 -12.20 -25.01 -6.37
CA LYS H 22 -12.62 -26.34 -6.01
C LYS H 22 -13.04 -26.41 -4.51
N GLU H 23 -12.46 -25.53 -3.71
CA GLU H 23 -12.71 -25.50 -2.28
C GLU H 23 -14.10 -24.97 -1.94
N CYS H 24 -14.62 -24.11 -2.83
CA CYS H 24 -15.99 -23.67 -2.79
C CYS H 24 -16.92 -24.87 -3.07
N CYS H 25 -16.67 -25.55 -4.20
CA CYS H 25 -17.45 -26.70 -4.60
C CYS H 25 -17.47 -27.81 -3.50
N ASP H 26 -16.35 -28.01 -2.83
CA ASP H 26 -16.21 -29.05 -1.80
C ASP H 26 -17.18 -28.77 -0.65
N ILE H 27 -17.35 -27.50 -0.29
CA ILE H 27 -18.29 -27.13 0.78
C ILE H 27 -19.75 -27.29 0.30
N LEU H 28 -20.04 -26.90 -0.92
CA LEU H 28 -21.37 -27.08 -1.46
C LEU H 28 -21.75 -28.57 -1.46
N ASP H 29 -20.81 -29.43 -1.86
CA ASP H 29 -21.04 -30.89 -1.78
C ASP H 29 -21.33 -31.33 -0.37
N ASN H 30 -20.48 -30.92 0.55
CA ASN H 30 -20.66 -31.28 1.96
C ASN H 30 -22.00 -30.84 2.54
N LEU H 31 -22.52 -29.70 2.08
CA LEU H 31 -23.79 -29.20 2.60
C LEU H 31 -25.02 -29.69 1.82
N GLY H 32 -24.78 -30.51 0.80
CA GLY H 32 -25.81 -31.03 -0.05
C GLY H 32 -26.52 -30.01 -0.91
N ILE H 33 -25.80 -28.97 -1.34
CA ILE H 33 -26.35 -27.94 -2.22
C ILE H 33 -25.96 -28.30 -3.66
N GLY H 34 -26.92 -28.26 -4.55
CA GLY H 34 -26.70 -28.56 -5.94
C GLY H 34 -26.01 -27.37 -6.61
N TYR H 35 -25.04 -27.66 -7.46
CA TYR H 35 -24.32 -26.63 -8.18
C TYR H 35 -23.76 -27.16 -9.51
N GLU H 36 -23.35 -26.22 -10.33
CA GLU H 36 -22.61 -26.49 -11.54
C GLU H 36 -21.34 -25.62 -11.48
N CYS H 37 -20.31 -26.08 -12.14
CA CYS H 37 -19.07 -25.37 -12.22
C CYS H 37 -18.61 -25.24 -13.66
N GLU H 38 -18.18 -24.04 -14.01
CA GLU H 38 -17.79 -23.76 -15.37
C GLU H 38 -16.70 -22.71 -15.46
N VAL H 39 -15.85 -22.81 -16.49
CA VAL H 39 -14.87 -21.76 -16.83
C VAL H 39 -15.57 -20.80 -17.82
N VAL H 40 -15.74 -19.56 -17.40
CA VAL H 40 -16.43 -18.51 -18.13
C VAL H 40 -15.50 -17.27 -18.01
N SER H 41 -14.83 -16.90 -19.11
CA SER H 41 -13.85 -15.82 -19.12
C SER H 41 -14.48 -14.52 -19.55
N ALA H 42 -14.42 -13.51 -18.69
CA ALA H 42 -14.96 -12.18 -19.01
C ALA H 42 -14.21 -11.59 -20.19
N HIS H 43 -12.91 -11.80 -20.26
CA HIS H 43 -12.14 -11.22 -21.36
C HIS H 43 -11.98 -12.07 -22.63
N ARG H 44 -11.92 -13.39 -22.49
CA ARG H 44 -11.73 -14.29 -23.63
C ARG H 44 -13.05 -14.87 -24.14
N THR H 45 -14.08 -14.95 -23.29
CA THR H 45 -15.39 -15.42 -23.74
C THR H 45 -16.49 -14.47 -23.27
N PRO H 46 -16.38 -13.21 -23.68
CA PRO H 46 -17.35 -12.22 -23.20
C PRO H 46 -18.81 -12.55 -23.58
N ASP H 47 -19.00 -13.07 -24.78
CA ASP H 47 -20.38 -13.39 -25.19
C ASP H 47 -20.95 -14.50 -24.34
N LYS H 48 -20.16 -15.53 -24.10
CA LYS H 48 -20.63 -16.63 -23.26
C LYS H 48 -20.95 -16.15 -21.82
N PHE H 50 -21.98 -13.05 -20.88
CA PHE H 50 -23.30 -12.39 -20.98
C PHE H 50 -24.44 -13.40 -21.06
N ASP H 51 -24.28 -14.42 -21.89
CA ASP H 51 -25.33 -15.45 -22.05
C ASP H 51 -25.54 -16.18 -20.72
N TYR H 52 -24.45 -16.60 -20.08
CA TYR H 52 -24.52 -17.27 -18.80
C TYR H 52 -25.30 -16.46 -17.75
N ALA H 53 -24.93 -15.19 -17.61
CA ALA H 53 -25.56 -14.31 -16.64
C ALA H 53 -27.05 -14.11 -17.00
N GLU H 54 -27.30 -13.82 -18.26
CA GLU H 54 -28.66 -13.52 -18.75
C GLU H 54 -29.61 -14.65 -18.44
N THR H 55 -29.14 -15.87 -18.62
CA THR H 55 -30.01 -17.06 -18.51
C THR H 55 -29.98 -17.78 -17.15
N ALA H 56 -29.17 -17.28 -16.22
CA ALA H 56 -29.00 -17.94 -14.95
C ALA H 56 -30.32 -18.18 -14.23
N LYS H 57 -31.10 -17.13 -14.09
CA LYS H 57 -32.34 -17.20 -13.35
C LYS H 57 -33.32 -18.17 -14.00
N GLU H 58 -33.52 -18.06 -15.31
CA GLU H 58 -34.45 -18.96 -16.00
C GLU H 58 -34.01 -20.43 -15.92
N ARG H 59 -32.70 -20.66 -15.76
CA ARG H 59 -32.14 -22.01 -15.65
C ARG H 59 -32.26 -22.58 -14.25
N GLY H 60 -32.82 -21.81 -13.33
CA GLY H 60 -33.01 -22.26 -11.97
C GLY H 60 -31.99 -21.81 -10.93
N LEU H 61 -30.92 -21.13 -11.35
CA LEU H 61 -29.91 -20.73 -10.39
C LEU H 61 -30.46 -19.63 -9.48
N LYS H 62 -29.98 -19.64 -8.24
CA LYS H 62 -30.38 -18.67 -7.21
C LYS H 62 -29.22 -17.77 -6.75
N VAL H 63 -28.00 -18.30 -6.88
CA VAL H 63 -26.81 -17.58 -6.50
C VAL H 63 -25.71 -17.87 -7.51
N ILE H 64 -24.87 -16.89 -7.83
CA ILE H 64 -23.69 -17.16 -8.67
C ILE H 64 -22.45 -16.79 -7.83
N ILE H 65 -21.48 -17.70 -7.81
CA ILE H 65 -20.18 -17.48 -7.17
C ILE H 65 -19.17 -17.39 -8.31
N ALA H 66 -18.45 -16.27 -8.41
CA ALA H 66 -17.52 -15.99 -9.49
C ALA H 66 -16.15 -15.64 -8.93
N GLY H 67 -15.15 -16.34 -9.39
CA GLY H 67 -13.76 -16.10 -9.05
C GLY H 67 -12.95 -15.58 -10.19
N ALA H 68 -12.04 -14.66 -9.88
CA ALA H 68 -11.16 -14.12 -10.91
C ALA H 68 -10.01 -13.43 -10.20
N GLY H 69 -8.92 -13.23 -10.91
CA GLY H 69 -7.76 -12.58 -10.34
C GLY H 69 -7.26 -11.46 -11.24
N GLY H 70 -6.28 -10.73 -10.74
CA GLY H 70 -5.68 -9.64 -11.51
C GLY H 70 -6.71 -8.54 -11.62
N ALA H 71 -6.87 -8.03 -12.83
CA ALA H 71 -7.95 -7.12 -13.16
C ALA H 71 -9.18 -8.00 -13.30
N ALA H 72 -9.84 -8.18 -12.17
CA ALA H 72 -10.86 -9.21 -11.98
C ALA H 72 -12.22 -8.60 -12.25
N HIS H 73 -12.67 -8.76 -13.48
CA HIS H 73 -13.91 -8.23 -13.96
C HIS H 73 -15.08 -9.21 -14.00
N LEU H 74 -14.85 -10.52 -13.97
CA LEU H 74 -15.96 -11.43 -14.07
C LEU H 74 -17.11 -11.19 -13.05
N PRO H 75 -16.80 -11.02 -11.74
CA PRO H 75 -17.93 -10.94 -10.82
C PRO H 75 -18.81 -9.73 -11.09
N GLY H 76 -18.18 -8.61 -11.37
CA GLY H 76 -18.92 -7.34 -11.54
C GLY H 76 -19.73 -7.35 -12.83
N VAL H 78 -20.83 -10.12 -14.44
CA VAL H 78 -21.96 -11.02 -14.24
C VAL H 78 -23.09 -10.32 -13.45
N ALA H 79 -22.72 -9.63 -12.39
CA ALA H 79 -23.71 -8.89 -11.60
C ALA H 79 -24.43 -7.82 -12.41
N ALA H 80 -23.75 -7.21 -13.39
CA ALA H 80 -24.42 -6.26 -14.30
C ALA H 80 -25.50 -6.89 -15.19
N LYS H 81 -25.43 -8.20 -15.42
CA LYS H 81 -26.29 -8.90 -16.38
C LYS H 81 -27.32 -9.89 -15.77
N THR H 82 -27.32 -10.02 -14.47
CA THR H 82 -28.34 -10.82 -13.77
C THR H 82 -28.86 -10.07 -12.55
N THR H 83 -30.12 -10.28 -12.16
CA THR H 83 -30.61 -9.75 -10.88
C THR H 83 -30.28 -10.65 -9.67
N LEU H 84 -29.73 -11.83 -9.93
CA LEU H 84 -29.36 -12.72 -8.86
C LEU H 84 -28.19 -12.17 -8.05
N PRO H 85 -28.10 -12.55 -6.77
CA PRO H 85 -26.92 -12.23 -5.98
C PRO H 85 -25.66 -12.89 -6.55
N VAL H 86 -24.61 -12.08 -6.69
CA VAL H 86 -23.31 -12.54 -7.13
C VAL H 86 -22.29 -12.38 -6.04
N LEU H 87 -21.56 -13.49 -5.81
CA LEU H 87 -20.53 -13.56 -4.80
C LEU H 87 -19.19 -13.60 -5.49
N GLY H 88 -18.31 -12.70 -5.10
CA GLY H 88 -17.01 -12.57 -5.73
C GLY H 88 -15.88 -13.06 -4.89
N VAL H 89 -15.04 -13.90 -5.48
CA VAL H 89 -13.86 -14.46 -4.84
C VAL H 89 -12.60 -13.93 -5.52
N PRO H 90 -11.83 -13.11 -4.80
CA PRO H 90 -10.57 -12.63 -5.38
C PRO H 90 -9.51 -13.74 -5.36
N VAL H 91 -9.05 -14.13 -6.52
CA VAL H 91 -8.06 -15.18 -6.60
C VAL H 91 -6.70 -14.55 -6.37
N LYS H 92 -5.85 -15.28 -5.63
CA LYS H 92 -4.56 -14.75 -5.24
C LYS H 92 -3.73 -14.67 -6.48
N SER H 93 -3.43 -13.46 -6.90
CA SER H 93 -2.60 -13.23 -8.06
C SER H 93 -1.13 -13.41 -7.70
N SER H 94 -0.35 -13.80 -8.71
CA SER H 94 1.04 -14.11 -8.48
C SER H 94 1.87 -12.86 -8.17
N THR H 95 1.59 -11.75 -8.85
N THR H 95 1.60 -11.74 -8.84
CA THR H 95 2.45 -10.58 -8.65
CA THR H 95 2.43 -10.58 -8.63
C THR H 95 2.04 -9.75 -7.42
C THR H 95 2.04 -9.80 -7.38
N LEU H 96 0.75 -9.50 -7.23
CA LEU H 96 0.28 -8.65 -6.13
C LEU H 96 -0.48 -9.37 -5.00
N ASN H 97 -0.42 -10.70 -4.98
CA ASN H 97 -0.99 -11.50 -3.87
C ASN H 97 -2.49 -11.23 -3.66
N GLY H 98 -3.17 -10.91 -4.78
CA GLY H 98 -4.60 -10.75 -4.83
C GLY H 98 -5.02 -9.35 -4.41
N GLN H 99 -4.06 -8.46 -4.17
CA GLN H 99 -4.44 -7.03 -3.91
C GLN H 99 -5.25 -6.44 -5.09
N ASP H 100 -4.73 -6.66 -6.30
CA ASP H 100 -5.43 -6.27 -7.52
C ASP H 100 -6.81 -6.95 -7.65
N SER H 101 -6.84 -8.26 -7.44
CA SER H 101 -8.08 -9.02 -7.46
C SER H 101 -9.13 -8.41 -6.53
N LEU H 102 -8.71 -8.11 -5.31
CA LEU H 102 -9.62 -7.68 -4.25
C LEU H 102 -10.23 -6.33 -4.63
N LEU H 103 -9.40 -5.36 -5.02
CA LEU H 103 -9.88 -3.99 -5.30
C LEU H 103 -10.78 -3.97 -6.53
N SER H 104 -10.44 -4.80 -7.51
CA SER H 104 -11.17 -4.93 -8.77
C SER H 104 -12.55 -5.51 -8.60
N ILE H 105 -12.78 -6.26 -7.50
CA ILE H 105 -14.07 -6.85 -7.20
C ILE H 105 -14.87 -6.00 -6.21
N VAL H 106 -14.23 -5.57 -5.12
CA VAL H 106 -15.00 -5.05 -4.00
C VAL H 106 -15.39 -3.61 -4.27
N GLN H 107 -14.60 -2.88 -5.03
CA GLN H 107 -14.80 -1.45 -5.18
C GLN H 107 -15.86 -1.03 -6.24
N PRO H 109 -18.90 0.73 -7.75
CA PRO H 109 -19.68 1.87 -7.38
C PRO H 109 -21.14 1.47 -7.14
N ALA H 110 -21.87 2.36 -6.50
CA ALA H 110 -23.29 2.17 -6.20
C ALA H 110 -24.07 1.78 -7.45
N GLY H 111 -24.92 0.78 -7.33
CA GLY H 111 -25.89 0.47 -8.33
C GLY H 111 -25.90 -1.01 -8.66
N ILE H 112 -24.71 -1.58 -8.66
CA ILE H 112 -24.52 -2.98 -9.04
C ILE H 112 -23.60 -3.61 -8.02
N PRO H 113 -24.16 -4.37 -7.06
CA PRO H 113 -23.33 -4.90 -5.99
C PRO H 113 -22.67 -6.25 -6.29
N VAL H 114 -21.48 -6.45 -5.74
CA VAL H 114 -20.89 -7.76 -5.66
C VAL H 114 -20.45 -7.98 -4.22
N ALA H 115 -20.95 -9.06 -3.62
CA ALA H 115 -20.59 -9.46 -2.27
C ALA H 115 -19.23 -10.12 -2.36
N THR H 116 -18.24 -9.49 -1.72
CA THR H 116 -16.83 -9.91 -1.79
C THR H 116 -16.32 -10.58 -0.57
N PHE H 117 -15.55 -11.66 -0.77
CA PHE H 117 -14.98 -12.45 0.32
C PHE H 117 -13.45 -12.36 0.31
N ALA H 118 -12.78 -12.94 1.31
CA ALA H 118 -11.34 -12.87 1.41
C ALA H 118 -10.60 -13.38 0.18
N ILE H 119 -9.39 -12.88 0.02
CA ILE H 119 -8.52 -13.34 -1.05
C ILE H 119 -8.22 -14.84 -0.89
N GLY H 120 -8.33 -15.56 -1.97
CA GLY H 120 -7.89 -16.94 -2.01
C GLY H 120 -8.89 -17.97 -1.49
N ALA H 122 -9.78 -19.00 1.33
CA ALA H 122 -10.60 -18.57 2.46
C ALA H 122 -11.91 -17.99 1.93
N GLY H 123 -11.81 -17.09 0.95
CA GLY H 123 -12.96 -16.51 0.30
C GLY H 123 -13.78 -17.49 -0.47
N ALA H 124 -13.12 -18.45 -1.13
CA ALA H 124 -13.84 -19.46 -1.91
C ALA H 124 -14.71 -20.31 -0.96
N LYS H 125 -14.11 -20.76 0.16
CA LYS H 125 -14.85 -21.52 1.20
C LYS H 125 -16.01 -20.68 1.79
N ASN H 126 -15.71 -19.45 2.11
CA ASN H 126 -16.70 -18.53 2.65
C ASN H 126 -17.80 -18.12 1.67
N ALA H 127 -17.50 -18.01 0.38
CA ALA H 127 -18.60 -17.78 -0.57
C ALA H 127 -19.60 -18.94 -0.60
N ALA H 128 -19.11 -20.18 -0.53
CA ALA H 128 -19.98 -21.33 -0.45
C ALA H 128 -20.83 -21.30 0.83
N LEU H 129 -20.20 -20.97 1.94
CA LEU H 129 -20.92 -20.95 3.20
C LEU H 129 -21.97 -19.82 3.20
N PHE H 130 -21.65 -18.72 2.56
CA PHE H 130 -22.59 -17.60 2.46
C PHE H 130 -23.76 -17.94 1.55
N ALA H 131 -23.47 -18.63 0.46
CA ALA H 131 -24.53 -19.16 -0.41
C ALA H 131 -25.50 -20.02 0.39
N ALA H 132 -24.96 -20.90 1.23
CA ALA H 132 -25.75 -21.72 2.12
C ALA H 132 -26.64 -20.86 3.04
N SER H 133 -26.14 -19.73 3.57
CA SER H 133 -26.96 -18.92 4.43
C SER H 133 -28.08 -18.22 3.65
N ILE H 134 -27.86 -17.93 2.36
CA ILE H 134 -28.92 -17.39 1.50
C ILE H 134 -30.01 -18.44 1.27
N LEU H 135 -29.60 -19.67 1.01
CA LEU H 135 -30.50 -20.74 0.63
C LEU H 135 -31.12 -21.52 1.77
N GLN H 136 -30.67 -21.33 3.00
CA GLN H 136 -31.11 -22.25 4.08
C GLN H 136 -32.61 -22.10 4.40
N HIS H 137 -33.07 -20.89 4.13
CA HIS H 137 -34.42 -20.34 4.29
C HIS H 137 -35.29 -20.85 3.13
N THR H 138 -35.15 -22.15 2.85
CA THR H 138 -35.67 -22.75 1.62
C THR H 138 -35.69 -24.27 1.71
N ASP H 139 -34.71 -24.86 2.41
CA ASP H 139 -34.63 -26.31 2.57
C ASP H 139 -34.08 -26.58 3.95
N ILE H 140 -34.90 -27.24 4.76
CA ILE H 140 -34.56 -27.50 6.13
C ILE H 140 -33.26 -28.31 6.18
N ASN H 141 -33.01 -29.11 5.14
CA ASN H 141 -31.80 -29.92 5.06
C ASN H 141 -30.56 -29.06 4.92
N ILE H 142 -30.66 -27.94 4.18
CA ILE H 142 -29.52 -27.03 4.04
C ILE H 142 -29.30 -26.28 5.35
N ALA H 143 -30.37 -25.81 5.99
CA ALA H 143 -30.25 -25.16 7.33
C ALA H 143 -29.55 -26.09 8.33
N LYS H 144 -30.00 -27.34 8.37
CA LYS H 144 -29.40 -28.34 9.26
C LYS H 144 -27.93 -28.57 8.93
N ALA H 145 -27.61 -28.64 7.65
CA ALA H 145 -26.23 -28.93 7.21
C ALA H 145 -25.30 -27.79 7.60
N LEU H 146 -25.75 -26.58 7.40
CA LEU H 146 -24.95 -25.42 7.76
C LEU H 146 -24.73 -25.34 9.29
N ALA H 147 -25.81 -25.54 10.05
CA ALA H 147 -25.74 -25.54 11.50
C ALA H 147 -24.75 -26.62 11.97
N GLU H 148 -24.77 -27.80 11.34
CA GLU H 148 -23.80 -28.85 11.67
C GLU H 148 -22.36 -28.48 11.30
N PHE H 149 -22.18 -27.84 10.16
CA PHE H 149 -20.86 -27.40 9.74
C PHE H 149 -20.30 -26.48 10.79
N ARG H 150 -21.08 -25.51 11.25
CA ARG H 150 -20.60 -24.61 12.29
C ARG H 150 -20.30 -25.28 13.62
N ALA H 151 -21.20 -26.19 14.01
CA ALA H 151 -20.99 -26.94 15.24
C ALA H 151 -19.69 -27.74 15.15
N GLU H 152 -19.39 -28.36 14.02
CA GLU H 152 -18.18 -29.17 13.89
C GLU H 152 -16.93 -28.28 14.01
N GLN H 153 -16.93 -27.11 13.35
CA GLN H 153 -15.74 -26.24 13.40
C GLN H 153 -15.51 -25.66 14.79
N THR H 154 -16.61 -25.36 15.50
CA THR H 154 -16.54 -24.95 16.88
C THR H 154 -15.97 -26.06 17.79
N ARG H 155 -16.52 -27.27 17.63
CA ARG H 155 -16.06 -28.45 18.36
C ARG H 155 -14.57 -28.75 18.15
N PHE H 156 -14.03 -28.59 16.94
CA PHE H 156 -12.58 -28.80 16.69
C PHE H 156 -11.74 -27.90 17.63
N VAL H 157 -12.20 -26.68 17.88
CA VAL H 157 -11.45 -25.77 18.71
C VAL H 157 -11.72 -26.06 20.20
N LEU H 158 -12.98 -26.17 20.58
CA LEU H 158 -13.34 -26.45 22.02
C LEU H 158 -12.74 -27.75 22.58
N GLU H 159 -12.69 -28.78 21.77
CA GLU H 159 -12.16 -30.06 22.24
C GLU H 159 -10.64 -30.13 22.17
N ASN H 160 -10.00 -29.21 21.42
CA ASN H 160 -8.56 -29.21 21.25
C ASN H 160 -7.91 -27.89 21.65
N PRO H 161 -8.07 -27.48 22.92
CA PRO H 161 -7.67 -26.13 23.38
C PRO H 161 -6.17 -25.93 23.54
N ASP H 162 -5.44 -27.00 23.83
CA ASP H 162 -4.02 -26.89 24.05
C ASP H 162 -3.25 -27.07 22.75
N PRO H 163 -2.55 -26.01 22.29
CA PRO H 163 -1.81 -26.14 21.04
C PRO H 163 -0.53 -26.98 21.20
N ARG H 164 0.00 -27.06 22.42
CA ARG H 164 1.24 -27.82 22.69
C ARG H 164 1.02 -29.34 22.62
N GLU H 165 2.03 -30.07 22.17
CA GLU H 165 2.02 -31.53 22.30
C GLU H 165 2.92 -31.95 23.46
#